data_7E2G
#
_entry.id   7E2G
#
_cell.length_a   1.00
_cell.length_b   1.00
_cell.length_c   1.00
_cell.angle_alpha   90.00
_cell.angle_beta   90.00
_cell.angle_gamma   90.00
#
_symmetry.space_group_name_H-M   'P 1'
#
loop_
_entity.id
_entity.type
_entity.pdbx_description
1 polymer 'Protein dispatched homolog 1,Protein dispatched homolog 1'
2 non-polymer 'CHOLESTEROL HEMISUCCINATE'
3 non-polymer 2-acetamido-2-deoxy-beta-D-glucopyranose
#
_entity_poly.entity_id   1
_entity_poly.type   'polypeptide(L)'
_entity_poly.pdbx_seq_one_letter_code
;MAMSNGNNDFVVLSNSSIATSAANPSPLTPCDGDHAAQQLTPKEATRTKVSPNGCLQLNGTVKSSFLPLDNQRMPQMLPQ
CCHPCPYHHPLTSHSSHQECHPEAGPAAPSALASCCMQPHSEYSASLCPNHSPVYQTTCCLQPSPSFCLHHPWPDHFQHQ
PVQQHIANIRPSRPFKLPKSYAALIADWPVVVLGMCTMFIVVCALVGVLVPELPDFSDPLLGFEPRGTAIGQRLVTWNNM
VKNTGYKATLANYPFKYADEQASSLEVLFQGPGSEVDWNFHKDSFFCDVPSDRYSRVVFTSSGGETLWNLPAIKSMCNVD
NSRIRSHPQFGDLCQRTTAASCCPSWTLGNYIAILNNRSSCQKIVERDVSHTLKLLRTCAKHYQNGTLGPDCWDMAARRK
DQLKCTNVPRKCTKYNAVYQILHYLVDKDFMTPKTADYATPALKYSMLFSPTEKGESMMNIYLDNFENWNSSDGVTTITG
IEFGIKHSLFQDYLLMDTVYPAIAIVIVLLVMCVYTKSMFITLMTMFAIISSLIVSYFLYRVVFHFEFFPFMNLTALIIL
VGIGANNAFVLCDVWNYTKFDKPHAETSETVSITLQHAALSMFVTSFTTAAAFYANYVSNITAIRCFGVYAGTAILVNYV
LMVTWLPAVVVLHERYLLNIFTCFKKPQQQIYDNKSCWTVACQKCHKVLFAISEASRIFFEKVLPCIVIKFRYLWLFWFL
ALTVGGAYIVCINPKMKLPSLELSEFQVFRSSHPFERYDAEYKKLFMFERVHHGEELHMPITVIWGVSPEDNGNPLNPKS
KGKLTLDSSFNIASPASQAWILHFCQKLRNQTFFYQTDEQDFTSCFIETFKQWMENQDCDEPALYPCCSHWSFPYKQEIF
ELCIKRAIMELERSTGYHLDSKTPGPRFDINDTIRAVVLEFQSTYLFTLAYEKMHQFYKEVDSWISSELSSAPEGLSNGW
FVSNLEFYDLQDSLSDGTLIAMGLSVAVAFSVMLLTTWNIIISLYAIISIAGTIFVTVGSLVLLGWELNVLESVTISVAV
GLSVNFAVHYGVAYRLAPDPDREGKVIFSLSRVGSAMAMAALTTFVAGAMMMPSTVLAYTQLGTFMMLIMCISWAFATFF
FQCMCRCLGPQGTCGQIPLPKKLQCSAFSHALSTSPSDKGQSKTHTINAYHLDPRGPKSELEHEFYELEPLASHSCTAPE
KTTYEETHICSEFFNSQAKNLGMPVHAAYNSELSKSTESDAGSALLQPPLEQHTVCHFFSLNQRCSCPDAYKHLNYGPHS
CQQMGDCLCHQCSPTTSSFVQIQNGVAPLKATHQAVEGFVHPITHIHHCPCLQGRVKPAGMQNSLPRNFFLHPVQHIQAQ
EKIGKTNVHSLQRSIEEHLPKMAEPSSFVCRSTGSLLKTCCDPENKQRELCKNRDVSNLESSGGTENKAGGKVELSLSQT
DASVNSEHFNQNEPKVLFNHLMGEAGCRSCPNNSQSCGRIVRVKCNSVDCQMPNMEANVPAVLTHSELSGESLLIKTL
;
_entity_poly.pdbx_strand_id   D
#
loop_
_chem_comp.id
_chem_comp.type
_chem_comp.name
_chem_comp.formula
NAG D-saccharide, beta linking 2-acetamido-2-deoxy-beta-D-glucopyranose 'C8 H15 N O6'
Y01 non-polymer 'CHOLESTEROL HEMISUCCINATE' 'C31 H50 O4'
#
# COMPACT_ATOMS: atom_id res chain seq x y z
N TYR A 181 -12.33 19.44 -42.61
CA TYR A 181 -11.80 18.19 -42.08
C TYR A 181 -12.74 17.03 -42.37
N ALA A 182 -14.05 17.29 -42.29
CA ALA A 182 -15.03 16.23 -42.48
C ALA A 182 -14.87 15.55 -43.84
N ALA A 183 -14.36 16.28 -44.83
CA ALA A 183 -14.17 15.70 -46.16
C ALA A 183 -13.16 14.56 -46.13
N LEU A 184 -12.28 14.55 -45.12
CA LEU A 184 -11.27 13.49 -45.03
C LEU A 184 -11.90 12.18 -44.59
N ILE A 185 -12.65 12.20 -43.49
CA ILE A 185 -13.29 10.98 -43.00
C ILE A 185 -14.31 10.48 -44.02
N ALA A 186 -14.97 11.41 -44.70
CA ALA A 186 -15.87 11.03 -45.79
C ALA A 186 -15.06 10.47 -46.96
N ASP A 187 -15.59 9.40 -47.56
CA ASP A 187 -15.12 8.73 -48.78
C ASP A 187 -13.67 8.27 -48.71
N TRP A 188 -12.97 8.46 -47.58
CA TRP A 188 -11.61 7.98 -47.39
C TRP A 188 -11.43 7.33 -46.03
N PRO A 189 -12.24 6.33 -45.66
CA PRO A 189 -12.05 5.71 -44.34
C PRO A 189 -10.85 4.76 -44.27
N VAL A 190 -10.64 3.95 -45.31
CA VAL A 190 -9.62 2.91 -45.24
C VAL A 190 -8.24 3.54 -45.12
N VAL A 191 -8.06 4.75 -45.65
CA VAL A 191 -6.77 5.42 -45.55
C VAL A 191 -6.39 5.65 -44.09
N VAL A 192 -7.27 6.33 -43.35
CA VAL A 192 -6.96 6.64 -41.96
C VAL A 192 -6.95 5.36 -41.13
N LEU A 193 -7.78 4.38 -41.49
CA LEU A 193 -7.76 3.11 -40.77
C LEU A 193 -6.39 2.44 -40.89
N GLY A 194 -5.89 2.30 -42.12
CA GLY A 194 -4.59 1.69 -42.32
C GLY A 194 -3.47 2.49 -41.68
N MET A 195 -3.56 3.82 -41.75
CA MET A 195 -2.52 4.65 -41.16
C MET A 195 -2.45 4.44 -39.65
N CYS A 196 -3.60 4.51 -38.97
CA CYS A 196 -3.61 4.26 -37.53
C CYS A 196 -3.15 2.85 -37.20
N THR A 197 -3.54 1.87 -38.02
CA THR A 197 -3.11 0.50 -37.75
C THR A 197 -1.60 0.36 -37.83
N MET A 198 -0.98 0.94 -38.86
CA MET A 198 0.47 0.85 -38.98
C MET A 198 1.16 1.57 -37.83
N PHE A 199 0.64 2.75 -37.46
CA PHE A 199 1.20 3.47 -36.31
C PHE A 199 1.15 2.61 -35.06
N ILE A 200 0.03 1.94 -34.82
CA ILE A 200 -0.11 1.13 -33.62
C ILE A 200 0.81 -0.08 -33.68
N VAL A 201 0.97 -0.68 -34.85
CA VAL A 201 1.83 -1.86 -34.95
C VAL A 201 3.28 -1.48 -34.66
N VAL A 202 3.76 -0.38 -35.24
CA VAL A 202 5.14 0.01 -34.99
C VAL A 202 5.31 0.42 -33.52
N CYS A 203 4.28 1.03 -32.93
CA CYS A 203 4.36 1.41 -31.54
C CYS A 203 4.48 0.19 -30.64
N ALA A 204 3.60 -0.80 -30.82
CA ALA A 204 3.67 -2.02 -30.03
C ALA A 204 5.01 -2.72 -30.22
N LEU A 205 5.49 -2.76 -31.47
CA LEU A 205 6.72 -3.49 -31.74
C LEU A 205 7.91 -2.84 -31.05
N VAL A 206 8.05 -1.51 -31.17
CA VAL A 206 9.14 -0.83 -30.50
C VAL A 206 9.03 -0.99 -28.98
N GLY A 207 7.81 -0.82 -28.45
CA GLY A 207 7.65 -0.88 -27.00
C GLY A 207 7.91 -2.25 -26.43
N VAL A 208 7.74 -3.30 -27.24
CA VAL A 208 8.04 -4.64 -26.75
C VAL A 208 9.52 -4.95 -26.91
N LEU A 209 10.11 -4.54 -28.03
CA LEU A 209 11.49 -4.90 -28.32
C LEU A 209 12.49 -4.13 -27.46
N VAL A 210 12.41 -2.79 -27.48
CA VAL A 210 13.50 -1.99 -26.93
C VAL A 210 13.64 -2.13 -25.42
N PRO A 211 12.65 -1.78 -24.59
CA PRO A 211 12.91 -1.74 -23.14
C PRO A 211 12.85 -3.12 -22.50
N GLU A 212 13.24 -3.17 -21.23
CA GLU A 212 13.30 -4.43 -20.50
C GLU A 212 11.94 -4.81 -19.94
N LEU A 213 11.85 -6.04 -19.44
CA LEU A 213 10.61 -6.54 -18.88
C LEU A 213 10.47 -6.08 -17.43
N PRO A 214 9.27 -5.70 -16.99
CA PRO A 214 9.08 -5.33 -15.58
C PRO A 214 9.32 -6.53 -14.67
N ASP A 215 9.48 -6.23 -13.37
CA ASP A 215 9.88 -7.28 -12.44
C ASP A 215 8.68 -7.96 -11.79
N PHE A 216 7.82 -7.19 -11.12
CA PHE A 216 6.67 -7.68 -10.34
C PHE A 216 7.08 -8.54 -9.17
N SER A 217 8.38 -8.67 -8.87
CA SER A 217 8.81 -9.56 -7.81
C SER A 217 8.46 -9.01 -6.44
N ASP A 218 8.57 -7.70 -6.26
CA ASP A 218 8.22 -7.07 -5.00
C ASP A 218 6.90 -6.34 -5.13
N PRO A 219 5.87 -6.77 -4.39
CA PRO A 219 4.57 -6.10 -4.52
C PRO A 219 4.61 -4.64 -4.10
N LEU A 220 5.49 -4.31 -3.15
CA LEU A 220 5.66 -2.93 -2.68
C LEU A 220 7.09 -2.53 -2.96
N LEU A 221 7.26 -1.61 -3.91
CA LEU A 221 8.59 -1.17 -4.30
C LEU A 221 8.77 0.34 -4.27
N GLY A 222 7.76 1.12 -4.65
CA GLY A 222 7.86 2.56 -4.65
C GLY A 222 7.31 3.24 -3.43
N PHE A 223 6.95 2.51 -2.38
CA PHE A 223 6.26 3.11 -1.26
C PHE A 223 7.25 3.80 -0.32
N GLU A 224 8.05 4.74 -0.85
CA GLU A 224 9.01 5.48 -0.06
C GLU A 224 9.03 6.93 -0.54
N PRO A 225 8.75 7.90 0.31
CA PRO A 225 8.81 9.30 -0.11
C PRO A 225 10.23 9.72 -0.48
N ARG A 226 10.32 10.74 -1.32
CA ARG A 226 11.60 11.29 -1.74
C ARG A 226 11.56 12.80 -1.71
N GLY A 227 12.62 13.40 -1.21
CA GLY A 227 12.71 14.85 -1.17
C GLY A 227 11.71 15.52 -0.25
N THR A 228 11.30 14.82 0.80
CA THR A 228 10.34 15.37 1.76
C THR A 228 11.02 16.02 2.97
N ALA A 229 12.32 16.30 2.87
CA ALA A 229 13.17 16.93 3.88
C ALA A 229 13.46 15.99 5.04
N ILE A 230 12.81 14.84 5.10
CA ILE A 230 13.22 13.77 5.99
C ILE A 230 13.66 12.53 5.22
N GLY A 231 13.09 12.28 4.04
CA GLY A 231 13.56 11.19 3.23
C GLY A 231 14.99 11.40 2.78
N GLN A 232 15.40 12.66 2.59
CA GLN A 232 16.78 12.94 2.24
C GLN A 232 17.73 12.50 3.35
N ARG A 233 17.36 12.77 4.61
CA ARG A 233 18.21 12.38 5.72
C ARG A 233 18.22 10.86 5.90
N LEU A 234 17.08 10.21 5.69
CA LEU A 234 17.08 8.75 5.77
C LEU A 234 17.94 8.13 4.69
N VAL A 235 17.87 8.66 3.46
CA VAL A 235 18.71 8.15 2.38
C VAL A 235 20.18 8.37 2.69
N THR A 236 20.54 9.55 3.18
CA THR A 236 21.93 9.82 3.47
C THR A 236 22.44 8.95 4.62
N TRP A 237 21.59 8.68 5.61
CA TRP A 237 21.99 7.81 6.70
C TRP A 237 22.19 6.38 6.22
N ASN A 238 21.29 5.89 5.37
CA ASN A 238 21.43 4.53 4.85
C ASN A 238 22.64 4.42 3.93
N ASN A 239 23.02 5.52 3.30
CA ASN A 239 24.24 5.51 2.50
C ASN A 239 25.48 5.51 3.39
N MET A 240 25.43 6.25 4.50
CA MET A 240 26.54 6.23 5.44
C MET A 240 26.74 4.85 6.03
N VAL A 241 25.63 4.14 6.32
CA VAL A 241 25.76 2.78 6.84
C VAL A 241 26.34 1.86 5.78
N LYS A 242 26.06 2.12 4.50
CA LYS A 242 26.47 1.20 3.44
C LYS A 242 27.99 1.18 3.27
N ASN A 243 28.64 2.33 3.43
CA ASN A 243 30.07 2.43 3.17
C ASN A 243 30.85 2.29 4.48
N THR A 244 30.76 1.10 5.06
CA THR A 244 31.51 0.78 6.26
C THR A 244 32.98 0.56 5.94
N GLY A 245 33.81 0.69 6.97
CA GLY A 245 35.23 0.44 6.79
C GLY A 245 35.56 -1.04 6.73
N TYR A 246 36.63 -1.35 6.03
CA TYR A 246 37.11 -2.72 5.89
C TYR A 246 38.62 -2.76 6.09
N LYS A 247 39.09 -3.84 6.71
CA LYS A 247 40.52 -3.99 6.93
C LYS A 247 41.29 -3.99 5.62
N ALA A 248 40.76 -4.67 4.61
CA ALA A 248 41.36 -4.72 3.29
C ALA A 248 40.58 -3.80 2.35
N THR A 249 41.16 -2.64 2.05
CA THR A 249 40.58 -1.67 1.12
C THR A 249 39.20 -1.21 1.57
N LEU A 250 39.17 -0.55 2.73
CA LEU A 250 37.93 0.08 3.19
C LEU A 250 37.34 0.99 2.12
N ALA A 251 38.18 1.84 1.53
CA ALA A 251 37.87 2.66 0.37
C ALA A 251 36.93 3.81 0.69
N ASN A 252 36.37 3.82 1.91
CA ASN A 252 35.62 4.96 2.43
C ASN A 252 35.27 4.72 3.89
N TYR A 253 35.37 5.79 4.67
CA TYR A 253 34.99 5.84 6.08
C TYR A 253 35.53 4.71 6.95
N PRO A 254 36.84 4.43 6.96
CA PRO A 254 37.37 3.52 7.98
C PRO A 254 37.41 4.21 9.33
N PHE A 255 37.51 3.41 10.39
CA PHE A 255 37.57 3.97 11.74
C PHE A 255 39.00 4.39 12.09
N LYS A 256 39.96 3.47 11.98
CA LYS A 256 41.31 3.78 12.43
C LYS A 256 42.41 3.19 11.55
N TYR A 257 42.09 2.72 10.35
CA TYR A 257 42.91 1.69 9.70
C TYR A 257 44.23 2.23 9.18
N ALA A 258 44.25 3.48 8.72
CA ALA A 258 45.47 3.99 8.08
C ALA A 258 46.65 4.01 9.06
N ASP A 259 46.40 4.37 10.31
CA ASP A 259 47.44 4.36 11.33
C ASP A 259 47.61 2.98 11.98
N GLU A 260 46.65 2.07 11.76
CA GLU A 260 46.70 0.77 12.40
C GLU A 260 47.97 0.02 12.02
N GLN A 261 48.76 -0.35 13.04
CA GLN A 261 49.97 -1.14 12.86
C GLN A 261 49.86 -2.38 13.75
N ALA A 262 49.26 -3.44 13.20
CA ALA A 262 49.09 -4.67 13.97
C ALA A 262 50.43 -5.35 14.24
N SER A 263 51.30 -5.39 13.24
CA SER A 263 52.62 -6.00 13.39
C SER A 263 53.57 -5.05 14.10
N ASN A 279 21.99 -26.54 26.09
CA ASN A 279 22.08 -25.82 24.83
C ASN A 279 22.69 -26.69 23.74
N PHE A 280 23.98 -26.98 23.88
CA PHE A 280 24.69 -27.78 22.88
C PHE A 280 24.39 -29.27 23.00
N HIS A 281 23.83 -29.70 24.13
CA HIS A 281 23.59 -31.13 24.34
C HIS A 281 22.56 -31.66 23.34
N LYS A 282 22.69 -32.94 23.01
CA LYS A 282 21.88 -33.57 21.98
C LYS A 282 20.83 -34.52 22.56
N ASP A 283 20.36 -34.27 23.78
CA ASP A 283 19.35 -35.12 24.40
C ASP A 283 17.99 -34.41 24.33
N SER A 284 16.99 -35.00 24.98
CA SER A 284 15.64 -34.47 25.13
C SER A 284 14.86 -34.39 23.82
N PHE A 285 15.37 -34.97 22.75
CA PHE A 285 14.72 -35.11 21.45
C PHE A 285 14.62 -33.80 20.67
N PHE A 286 15.02 -32.68 21.25
CA PHE A 286 14.84 -31.38 20.62
C PHE A 286 16.17 -30.69 20.41
N CYS A 287 16.28 -29.91 19.34
CA CYS A 287 17.51 -29.22 19.02
C CYS A 287 17.63 -27.91 19.79
N ASP A 288 16.71 -26.98 19.57
CA ASP A 288 16.78 -25.66 20.17
C ASP A 288 15.39 -25.21 20.62
N VAL A 289 15.38 -24.16 21.45
CA VAL A 289 14.16 -23.53 21.94
C VAL A 289 13.36 -22.98 20.76
N PRO A 290 12.05 -22.80 20.90
CA PRO A 290 11.26 -22.28 19.78
C PRO A 290 11.61 -20.83 19.48
N SER A 291 11.76 -20.50 18.20
CA SER A 291 11.96 -19.13 17.76
C SER A 291 10.97 -18.82 16.65
N ASP A 292 10.93 -17.55 16.25
CA ASP A 292 10.08 -17.14 15.14
C ASP A 292 10.80 -17.15 13.81
N ARG A 293 11.85 -17.96 13.65
CA ARG A 293 12.51 -18.15 12.37
C ARG A 293 12.21 -19.51 11.77
N TYR A 294 11.24 -20.22 12.31
CA TYR A 294 10.79 -21.51 11.79
C TYR A 294 9.35 -21.42 11.31
N SER A 295 9.05 -22.13 10.24
CA SER A 295 7.71 -22.15 9.69
C SER A 295 6.71 -22.70 10.70
N ARG A 296 5.46 -22.26 10.60
CA ARG A 296 4.48 -22.69 11.58
C ARG A 296 3.08 -22.60 11.00
N VAL A 297 2.13 -23.28 11.66
CA VAL A 297 0.72 -23.23 11.32
C VAL A 297 -0.07 -23.14 12.62
N VAL A 298 -1.39 -22.92 12.49
CA VAL A 298 -2.26 -22.84 13.65
C VAL A 298 -3.57 -23.58 13.36
N PHE A 299 -3.97 -24.45 14.29
CA PHE A 299 -5.15 -25.28 14.17
C PHE A 299 -6.29 -24.73 15.03
N THR A 300 -7.51 -24.86 14.52
CA THR A 300 -8.75 -24.45 15.18
C THR A 300 -9.91 -25.09 14.43
N SER A 301 -11.14 -24.66 14.75
CA SER A 301 -12.38 -25.08 14.10
C SER A 301 -12.75 -26.53 14.41
N SER A 302 -12.62 -26.91 15.68
CA SER A 302 -13.04 -28.24 16.10
C SER A 302 -14.53 -28.25 16.44
N GLY A 303 -15.08 -29.45 16.55
CA GLY A 303 -16.45 -29.60 17.00
C GLY A 303 -16.51 -29.47 18.51
N GLY A 304 -17.15 -28.41 19.00
CA GLY A 304 -17.23 -28.14 20.41
C GLY A 304 -16.27 -27.09 20.92
N GLU A 305 -15.35 -26.62 20.07
CA GLU A 305 -14.42 -25.54 20.43
C GLU A 305 -13.55 -25.92 21.62
N THR A 306 -13.09 -27.17 21.64
CA THR A 306 -12.16 -27.62 22.67
C THR A 306 -11.27 -28.71 22.06
N LEU A 307 -9.96 -28.53 22.19
CA LEU A 307 -8.99 -29.42 21.58
C LEU A 307 -8.20 -30.23 22.59
N TRP A 308 -8.45 -30.06 23.89
CA TRP A 308 -7.81 -30.90 24.90
C TRP A 308 -8.48 -32.27 24.89
N ASN A 309 -8.09 -33.08 23.92
CA ASN A 309 -8.60 -34.44 23.78
C ASN A 309 -7.74 -35.19 22.79
N LEU A 310 -7.70 -36.51 22.96
CA LEU A 310 -6.91 -37.36 22.06
C LEU A 310 -7.21 -37.13 20.58
N PRO A 311 -8.46 -36.96 20.12
CA PRO A 311 -8.68 -36.73 18.68
C PRO A 311 -7.92 -35.55 18.12
N ALA A 312 -8.01 -34.38 18.75
CA ALA A 312 -7.38 -33.19 18.20
C ALA A 312 -5.86 -33.33 18.15
N ILE A 313 -5.26 -33.86 19.22
CA ILE A 313 -3.81 -33.99 19.27
C ILE A 313 -3.33 -35.01 18.24
N LYS A 314 -4.03 -36.15 18.15
CA LYS A 314 -3.66 -37.14 17.15
C LYS A 314 -3.86 -36.60 15.74
N SER A 315 -4.84 -35.72 15.55
CA SER A 315 -5.02 -35.12 14.22
C SER A 315 -3.89 -34.15 13.89
N MET A 316 -3.44 -33.38 14.88
CA MET A 316 -2.27 -32.52 14.68
C MET A 316 -1.07 -33.35 14.25
N CYS A 317 -0.78 -34.42 15.00
CA CYS A 317 0.34 -35.28 14.65
C CYS A 317 0.17 -35.87 13.25
N ASN A 318 -1.05 -36.31 12.92
CA ASN A 318 -1.29 -36.95 11.63
C ASN A 318 -1.11 -35.97 10.48
N VAL A 319 -1.62 -34.74 10.62
CA VAL A 319 -1.50 -33.79 9.53
C VAL A 319 -0.05 -33.34 9.38
N ASP A 320 0.68 -33.21 10.49
CA ASP A 320 2.10 -32.90 10.37
C ASP A 320 2.84 -34.01 9.65
N ASN A 321 2.53 -35.27 9.96
CA ASN A 321 3.22 -36.38 9.30
C ASN A 321 2.80 -36.51 7.84
N SER A 322 1.58 -36.09 7.50
CA SER A 322 1.06 -36.33 6.16
C SER A 322 1.44 -35.21 5.20
N ARG A 323 1.16 -33.96 5.56
CA ARG A 323 1.32 -32.86 4.62
C ARG A 323 2.72 -32.27 4.59
N ILE A 324 3.49 -32.43 5.67
CA ILE A 324 4.80 -31.78 5.76
C ILE A 324 5.92 -32.79 5.58
N ARG A 325 5.92 -33.84 6.41
CA ARG A 325 7.04 -34.78 6.40
C ARG A 325 7.05 -35.64 5.14
N SER A 326 5.88 -35.97 4.58
CA SER A 326 5.82 -36.90 3.46
C SER A 326 6.50 -36.33 2.22
N HIS A 327 6.44 -35.01 2.02
CA HIS A 327 7.07 -34.42 0.86
C HIS A 327 8.59 -34.57 0.96
N PRO A 328 9.27 -34.79 -0.17
CA PRO A 328 10.73 -34.88 -0.14
C PRO A 328 11.36 -33.57 0.30
N GLN A 329 11.98 -33.57 1.48
CA GLN A 329 12.53 -32.35 2.06
C GLN A 329 13.95 -32.60 2.51
N PHE A 330 14.82 -31.61 2.32
CA PHE A 330 16.19 -31.67 2.80
C PHE A 330 16.51 -30.53 3.76
N GLY A 331 15.53 -29.71 4.13
CA GLY A 331 15.75 -28.62 5.04
C GLY A 331 15.72 -28.97 6.50
N ASP A 332 15.47 -30.23 6.84
CA ASP A 332 15.48 -30.66 8.23
C ASP A 332 16.86 -30.43 8.85
N LEU A 333 16.87 -30.19 10.16
CA LEU A 333 18.13 -29.87 10.82
C LEU A 333 19.05 -31.08 10.92
N CYS A 334 18.48 -32.26 11.23
CA CYS A 334 19.26 -33.48 11.37
C CYS A 334 20.38 -33.32 12.39
N GLN A 335 20.03 -32.78 13.56
CA GLN A 335 21.01 -32.58 14.62
C GLN A 335 21.75 -33.87 14.93
N ARG A 336 21.00 -34.96 15.11
CA ARG A 336 21.61 -36.29 15.11
C ARG A 336 21.93 -36.68 13.68
N THR A 337 23.13 -37.23 13.46
CA THR A 337 23.59 -37.54 12.11
C THR A 337 22.60 -38.42 11.36
N THR A 338 21.87 -39.27 12.08
CA THR A 338 20.85 -40.12 11.46
C THR A 338 19.73 -39.26 10.88
N ALA A 339 19.42 -39.49 9.60
CA ALA A 339 18.39 -38.69 8.94
C ALA A 339 16.99 -39.06 9.42
N ALA A 340 16.78 -40.32 9.82
CA ALA A 340 15.47 -40.73 10.32
C ALA A 340 15.10 -39.96 11.58
N SER A 341 16.09 -39.58 12.39
CA SER A 341 15.88 -38.79 13.60
C SER A 341 16.22 -37.32 13.37
N CYS A 342 15.87 -36.81 12.19
CA CYS A 342 16.17 -35.42 11.84
C CYS A 342 15.68 -34.46 12.93
N CYS A 343 14.37 -34.45 13.16
CA CYS A 343 13.75 -33.63 14.19
C CYS A 343 12.32 -34.11 14.39
N PRO A 344 11.77 -33.93 15.58
CA PRO A 344 10.39 -34.35 15.84
C PRO A 344 9.40 -33.34 15.24
N SER A 345 8.12 -33.71 15.27
CA SER A 345 7.09 -32.90 14.65
C SER A 345 6.82 -31.61 15.41
N TRP A 346 7.24 -31.52 16.67
CA TRP A 346 7.12 -30.32 17.49
C TRP A 346 5.67 -29.98 17.81
N THR A 347 4.79 -30.97 17.84
CA THR A 347 3.39 -30.72 18.14
C THR A 347 3.21 -30.56 19.66
N LEU A 348 1.97 -30.48 20.10
CA LEU A 348 1.71 -30.51 21.55
C LEU A 348 1.74 -31.94 22.07
N GLY A 349 1.44 -32.91 21.21
CA GLY A 349 1.55 -34.30 21.61
C GLY A 349 2.97 -34.70 21.97
N ASN A 350 3.96 -34.07 21.31
CA ASN A 350 5.34 -34.37 21.66
C ASN A 350 5.66 -33.91 23.07
N TYR A 351 5.19 -32.73 23.47
CA TYR A 351 5.40 -32.29 24.83
C TYR A 351 4.60 -33.13 25.82
N ILE A 352 3.40 -33.54 25.44
CA ILE A 352 2.62 -34.48 26.25
C ILE A 352 3.42 -35.75 26.48
N ALA A 353 4.12 -36.21 25.45
CA ALA A 353 4.86 -37.46 25.54
C ALA A 353 6.12 -37.30 26.39
N ILE A 354 6.85 -36.20 26.20
CA ILE A 354 8.09 -36.02 26.94
C ILE A 354 7.80 -35.73 28.41
N LEU A 355 6.65 -35.12 28.70
CA LEU A 355 6.21 -35.01 30.09
C LEU A 355 5.81 -36.36 30.66
N ASN A 356 5.66 -37.37 29.82
CA ASN A 356 5.43 -38.74 30.24
C ASN A 356 6.71 -39.55 30.08
N ASN A 357 6.67 -40.79 30.60
CA ASN A 357 7.85 -41.64 30.52
C ASN A 357 8.02 -42.21 29.13
N ARG A 358 6.93 -42.65 28.49
CA ARG A 358 6.95 -43.12 27.12
C ARG A 358 6.71 -41.94 26.19
N SER A 359 7.62 -41.71 25.25
CA SER A 359 7.59 -40.55 24.39
C SER A 359 7.60 -40.99 22.93
N SER A 360 6.57 -40.59 22.19
CA SER A 360 6.44 -40.85 20.77
C SER A 360 5.23 -40.08 20.26
N CYS A 361 5.23 -39.81 18.96
CA CYS A 361 4.13 -39.05 18.36
C CYS A 361 2.82 -39.84 18.38
N GLN A 362 2.92 -41.16 18.38
CA GLN A 362 1.75 -42.03 18.25
C GLN A 362 1.33 -42.68 19.56
N LYS A 363 2.24 -43.36 20.24
CA LYS A 363 1.90 -44.14 21.42
C LYS A 363 1.53 -43.19 22.56
N ILE A 364 0.23 -43.07 22.83
CA ILE A 364 -0.29 -42.24 23.90
C ILE A 364 -1.10 -43.12 24.84
N VAL A 365 -1.01 -42.83 26.14
CA VAL A 365 -1.71 -43.64 27.14
C VAL A 365 -3.01 -43.01 27.62
N GLU A 366 -3.25 -41.73 27.30
CA GLU A 366 -4.47 -40.99 27.64
C GLU A 366 -4.51 -40.66 29.13
N ARG A 367 -3.55 -41.19 29.88
CA ARG A 367 -3.39 -40.81 31.28
C ARG A 367 -2.42 -39.65 31.45
N ASP A 368 -1.37 -39.61 30.63
CA ASP A 368 -0.48 -38.45 30.61
C ASP A 368 -1.24 -37.18 30.23
N VAL A 369 -2.29 -37.31 29.41
CA VAL A 369 -3.11 -36.15 29.09
C VAL A 369 -3.67 -35.52 30.36
N SER A 370 -4.34 -36.34 31.18
CA SER A 370 -4.91 -35.83 32.43
C SER A 370 -3.81 -35.36 33.38
N HIS A 371 -2.68 -36.06 33.40
CA HIS A 371 -1.57 -35.65 34.25
C HIS A 371 -1.11 -34.24 33.91
N THR A 372 -0.85 -33.98 32.63
CA THR A 372 -0.41 -32.66 32.21
C THR A 372 -1.51 -31.61 32.38
N LEU A 373 -2.77 -32.00 32.19
CA LEU A 373 -3.87 -31.06 32.43
C LEU A 373 -3.85 -30.59 33.89
N LYS A 374 -3.75 -31.54 34.83
CA LYS A 374 -3.65 -31.16 36.23
C LYS A 374 -2.40 -30.34 36.50
N LEU A 375 -1.29 -30.70 35.84
CA LEU A 375 -0.03 -29.98 36.03
C LEU A 375 -0.18 -28.51 35.67
N LEU A 376 -0.73 -28.24 34.48
CA LEU A 376 -0.95 -26.85 34.07
C LEU A 376 -1.99 -26.18 34.96
N ARG A 377 -3.03 -26.89 35.35
CA ARG A 377 -4.07 -26.30 36.19
C ARG A 377 -3.51 -25.86 37.54
N THR A 378 -2.50 -26.55 38.05
CA THR A 378 -1.97 -26.19 39.36
C THR A 378 -0.75 -25.29 39.31
N CYS A 379 0.04 -25.32 38.23
CA CYS A 379 1.23 -24.50 38.14
C CYS A 379 1.10 -23.32 37.18
N ALA A 380 -0.09 -23.09 36.61
CA ALA A 380 -0.25 -21.96 35.71
C ALA A 380 -0.10 -20.63 36.44
N LYS A 381 -0.40 -20.59 37.74
CA LYS A 381 -0.32 -19.35 38.51
C LYS A 381 1.11 -18.84 38.60
N HIS A 382 2.11 -19.71 38.43
CA HIS A 382 3.50 -19.30 38.47
C HIS A 382 3.93 -18.51 37.24
N TYR A 383 3.05 -18.36 36.26
CA TYR A 383 3.37 -17.61 35.05
C TYR A 383 2.40 -16.45 34.86
N ASP A 394 6.01 -14.22 36.28
CA ASP A 394 6.52 -14.49 37.62
C ASP A 394 7.73 -15.42 37.57
N MET A 395 7.89 -16.12 36.46
CA MET A 395 9.03 -17.01 36.26
C MET A 395 9.49 -16.92 34.82
N ALA A 396 10.65 -17.52 34.55
CA ALA A 396 11.27 -17.47 33.23
C ALA A 396 11.92 -18.82 32.96
N ALA A 397 12.76 -18.88 31.93
CA ALA A 397 13.45 -20.12 31.59
C ALA A 397 14.36 -20.56 32.72
N ARG A 398 14.20 -21.79 33.17
CA ARG A 398 15.00 -22.33 34.27
C ARG A 398 16.23 -23.08 33.79
N ARG A 399 16.24 -23.54 32.53
CA ARG A 399 17.36 -24.28 31.95
C ARG A 399 17.65 -25.56 32.74
N LYS A 400 16.62 -26.38 32.90
CA LYS A 400 16.71 -27.60 33.71
C LYS A 400 17.45 -28.68 32.92
N ASP A 401 18.77 -28.53 32.86
CA ASP A 401 19.60 -29.60 32.32
C ASP A 401 19.70 -30.76 33.30
N GLN A 402 20.05 -30.45 34.55
CA GLN A 402 19.92 -31.40 35.65
C GLN A 402 19.28 -30.80 36.89
N LEU A 403 19.30 -29.47 37.04
CA LEU A 403 18.67 -28.76 38.13
C LEU A 403 18.79 -27.27 37.83
N LYS A 404 18.07 -26.46 38.60
CA LYS A 404 18.09 -25.01 38.45
C LYS A 404 18.81 -24.37 39.64
N CYS A 405 19.38 -23.19 39.40
CA CYS A 405 20.17 -22.54 40.44
C CYS A 405 19.28 -21.76 41.42
N THR A 406 18.54 -20.78 40.91
CA THR A 406 17.77 -19.90 41.78
C THR A 406 16.65 -20.67 42.47
N ASN A 407 16.06 -20.03 43.48
CA ASN A 407 14.93 -20.62 44.20
C ASN A 407 13.73 -20.69 43.27
N VAL A 408 13.38 -21.91 42.86
CA VAL A 408 12.33 -22.12 41.86
C VAL A 408 10.98 -22.28 42.57
N PRO A 409 9.88 -21.95 41.89
CA PRO A 409 8.55 -22.22 42.49
C PRO A 409 8.30 -23.70 42.72
N ARG A 410 8.71 -24.56 41.79
CA ARG A 410 8.59 -26.00 41.94
C ARG A 410 9.80 -26.66 41.28
N LYS A 411 10.22 -27.78 41.86
CA LYS A 411 11.35 -28.54 41.35
C LYS A 411 10.92 -29.65 40.40
N CYS A 412 9.68 -29.61 39.92
CA CYS A 412 9.17 -30.59 38.97
C CYS A 412 9.12 -30.06 37.54
N THR A 413 10.02 -29.13 37.21
CA THR A 413 10.05 -28.54 35.88
C THR A 413 11.02 -29.32 34.99
N LYS A 414 10.55 -29.70 33.80
CA LYS A 414 11.38 -30.35 32.81
C LYS A 414 12.22 -29.27 32.12
N TYR A 415 12.80 -29.58 30.96
CA TYR A 415 13.68 -28.66 30.26
C TYR A 415 12.82 -27.55 29.66
N ASN A 416 12.44 -26.60 30.51
CA ASN A 416 11.62 -25.45 30.13
C ASN A 416 10.26 -25.87 29.58
N ALA A 417 9.78 -27.04 30.02
CA ALA A 417 8.55 -27.59 29.46
C ALA A 417 7.36 -26.66 29.66
N VAL A 418 7.07 -26.31 30.92
CA VAL A 418 5.89 -25.50 31.21
C VAL A 418 6.04 -24.10 30.61
N TYR A 419 7.22 -23.50 30.73
CA TYR A 419 7.44 -22.17 30.19
C TYR A 419 7.27 -22.16 28.67
N GLN A 420 7.71 -23.24 28.00
CA GLN A 420 7.56 -23.31 26.55
C GLN A 420 6.11 -23.51 26.15
N ILE A 421 5.42 -24.45 26.80
CA ILE A 421 4.05 -24.75 26.40
C ILE A 421 3.13 -23.56 26.68
N LEU A 422 3.45 -22.75 27.70
CA LEU A 422 2.62 -21.57 27.93
C LEU A 422 3.07 -20.37 27.12
N HIS A 423 4.34 -20.33 26.70
CA HIS A 423 4.87 -19.16 26.02
C HIS A 423 4.78 -19.28 24.50
N TYR A 424 5.41 -20.30 23.92
CA TYR A 424 5.53 -20.41 22.48
C TYR A 424 4.38 -21.18 21.85
N LEU A 425 3.97 -22.29 22.45
CA LEU A 425 2.83 -23.05 21.96
C LEU A 425 1.53 -22.38 22.38
N VAL A 426 0.42 -23.11 22.31
CA VAL A 426 -0.92 -22.56 22.54
C VAL A 426 -0.96 -21.60 23.71
N ASP A 427 -1.49 -20.40 23.48
CA ASP A 427 -1.59 -19.39 24.51
C ASP A 427 -2.87 -18.56 24.40
N LYS A 428 -3.90 -19.11 23.75
CA LYS A 428 -5.13 -18.34 23.52
C LYS A 428 -5.74 -17.86 24.82
N ASP A 429 -6.13 -18.80 25.70
CA ASP A 429 -6.77 -18.41 26.95
C ASP A 429 -5.78 -17.79 27.93
N PHE A 430 -4.49 -18.11 27.78
CA PHE A 430 -3.40 -17.72 28.67
C PHE A 430 -3.48 -18.41 30.03
N MET A 431 -4.53 -19.22 30.27
CA MET A 431 -4.67 -20.07 31.45
C MET A 431 -4.70 -19.28 32.76
N THR A 432 -4.80 -17.96 32.71
CA THR A 432 -4.96 -17.21 33.95
C THR A 432 -6.17 -16.28 33.94
N PRO A 433 -7.37 -16.74 33.52
CA PRO A 433 -8.53 -15.86 33.55
C PRO A 433 -9.32 -15.99 34.84
N LYS A 434 -10.39 -15.22 34.98
CA LYS A 434 -11.27 -15.32 36.14
C LYS A 434 -12.49 -16.18 35.78
N THR A 435 -12.21 -17.44 35.47
CA THR A 435 -13.25 -18.39 35.11
C THR A 435 -13.53 -19.33 36.27
N ALA A 436 -14.36 -20.35 36.02
CA ALA A 436 -14.73 -21.31 37.04
C ALA A 436 -13.51 -22.15 37.45
N ASP A 437 -13.60 -22.71 38.66
CA ASP A 437 -12.51 -23.52 39.20
C ASP A 437 -12.35 -24.85 38.46
N TYR A 438 -13.19 -25.15 37.48
CA TYR A 438 -13.04 -26.37 36.70
C TYR A 438 -11.72 -26.35 35.95
N ALA A 439 -10.86 -27.34 36.23
CA ALA A 439 -9.53 -27.40 35.65
C ALA A 439 -9.55 -27.68 34.14
N THR A 440 -10.72 -27.76 33.52
CA THR A 440 -10.83 -28.00 32.08
C THR A 440 -11.37 -26.78 31.34
N PRO A 441 -10.52 -25.80 31.02
CA PRO A 441 -11.00 -24.65 30.24
C PRO A 441 -10.85 -24.88 28.74
N ALA A 442 -11.65 -24.18 27.95
CA ALA A 442 -11.60 -24.34 26.50
C ALA A 442 -10.50 -23.47 25.89
N LEU A 443 -9.67 -24.09 25.05
CA LEU A 443 -8.66 -23.38 24.28
C LEU A 443 -9.17 -23.19 22.86
N LYS A 444 -8.79 -22.08 22.23
CA LYS A 444 -9.28 -21.78 20.90
C LYS A 444 -8.31 -22.19 19.80
N TYR A 445 -7.10 -21.62 19.80
CA TYR A 445 -6.14 -21.77 18.71
C TYR A 445 -4.89 -22.45 19.23
N SER A 446 -4.29 -23.32 18.41
CA SER A 446 -3.05 -23.97 18.82
C SER A 446 -2.03 -23.95 17.70
N MET A 447 -0.82 -23.53 18.02
CA MET A 447 0.23 -23.35 17.03
C MET A 447 1.17 -24.56 17.00
N LEU A 448 1.66 -24.87 15.80
CA LEU A 448 2.56 -25.99 15.57
C LEU A 448 3.70 -25.54 14.68
N PHE A 449 4.94 -25.71 15.15
CA PHE A 449 6.11 -25.26 14.43
C PHE A 449 6.60 -26.34 13.47
N SER A 450 7.78 -26.11 12.88
CA SER A 450 8.45 -27.08 12.02
C SER A 450 9.94 -26.79 12.08
N PRO A 451 10.79 -27.81 12.13
CA PRO A 451 12.23 -27.54 12.34
C PRO A 451 12.88 -26.80 11.19
N THR A 452 12.41 -26.98 9.96
CA THR A 452 13.02 -26.35 8.81
C THR A 452 12.79 -24.84 8.83
N GLU A 453 13.76 -24.10 8.27
CA GLU A 453 13.71 -22.65 8.26
C GLU A 453 12.64 -22.15 7.29
N LYS A 454 12.42 -20.84 7.31
CA LYS A 454 11.43 -20.20 6.47
C LYS A 454 12.11 -19.27 5.48
N GLY A 455 11.51 -19.14 4.30
CA GLY A 455 12.09 -18.35 3.23
C GLY A 455 11.62 -18.87 1.89
N GLU A 456 12.22 -18.31 0.83
CA GLU A 456 11.84 -18.70 -0.52
C GLU A 456 12.03 -20.19 -0.77
N SER A 457 12.91 -20.86 0.00
CA SER A 457 13.11 -22.29 -0.20
C SER A 457 11.88 -23.10 0.20
N MET A 458 11.10 -22.60 1.16
CA MET A 458 9.93 -23.35 1.63
C MET A 458 8.82 -23.38 0.60
N MET A 459 8.77 -22.37 -0.28
CA MET A 459 7.62 -22.14 -1.14
C MET A 459 7.12 -23.42 -1.81
N ASN A 460 8.05 -24.26 -2.27
CA ASN A 460 7.69 -25.48 -3.00
C ASN A 460 6.63 -26.29 -2.26
N ILE A 461 6.80 -26.47 -0.95
CA ILE A 461 5.86 -27.27 -0.17
C ILE A 461 4.45 -26.71 -0.32
N TYR A 462 4.31 -25.38 -0.13
CA TYR A 462 2.98 -24.78 -0.21
C TYR A 462 2.36 -24.99 -1.58
N LEU A 463 3.18 -25.16 -2.61
CA LEU A 463 2.65 -25.37 -3.96
C LEU A 463 1.90 -26.68 -4.07
N ASP A 464 2.22 -27.66 -3.23
CA ASP A 464 1.79 -29.03 -3.45
C ASP A 464 0.64 -29.48 -2.57
N ASN A 465 0.66 -29.16 -1.28
CA ASN A 465 -0.25 -29.79 -0.33
C ASN A 465 -1.25 -28.84 0.32
N PHE A 466 -1.01 -27.53 0.28
CA PHE A 466 -1.84 -26.61 1.04
C PHE A 466 -2.77 -25.76 0.19
N GLU A 467 -2.65 -25.82 -1.14
CA GLU A 467 -3.41 -24.91 -1.99
C GLU A 467 -4.90 -25.28 -2.02
N ASN A 468 -5.21 -26.54 -2.31
CA ASN A 468 -6.58 -26.90 -2.62
C ASN A 468 -7.30 -27.53 -1.43
N TRP A 469 -6.56 -28.08 -0.46
CA TRP A 469 -7.17 -28.89 0.59
C TRP A 469 -7.80 -27.98 1.64
N ASN A 470 -9.10 -28.14 1.86
CA ASN A 470 -9.79 -27.37 2.89
C ASN A 470 -9.25 -27.70 4.28
N SER A 471 -9.39 -28.95 4.70
CA SER A 471 -8.95 -29.40 6.01
C SER A 471 -8.66 -30.88 5.95
N SER A 472 -7.62 -31.31 6.67
CA SER A 472 -7.21 -32.71 6.61
C SER A 472 -8.17 -33.59 7.39
N ASP A 473 -8.57 -33.17 8.58
CA ASP A 473 -9.45 -33.95 9.44
C ASP A 473 -10.75 -33.19 9.67
N GLY A 474 -11.80 -33.94 10.00
CA GLY A 474 -13.05 -33.30 10.37
C GLY A 474 -12.97 -32.57 11.69
N VAL A 475 -12.02 -32.94 12.54
CA VAL A 475 -11.93 -32.34 13.86
C VAL A 475 -10.97 -31.14 13.90
N THR A 476 -10.01 -31.06 12.99
CA THR A 476 -9.05 -29.96 12.98
C THR A 476 -8.97 -29.35 11.59
N THR A 477 -8.62 -28.07 11.56
CA THR A 477 -8.45 -27.32 10.31
C THR A 477 -7.16 -26.52 10.38
N ILE A 478 -6.85 -25.83 9.30
CA ILE A 478 -5.72 -24.92 9.24
C ILE A 478 -6.25 -23.53 8.93
N THR A 479 -6.18 -22.64 9.91
CA THR A 479 -6.72 -21.29 9.76
C THR A 479 -5.66 -20.21 9.65
N GLY A 480 -4.38 -20.56 9.76
CA GLY A 480 -3.32 -19.58 9.62
C GLY A 480 -1.98 -20.25 9.41
N ILE A 481 -1.22 -19.75 8.44
CA ILE A 481 0.05 -20.34 8.02
C ILE A 481 1.10 -19.26 8.01
N GLU A 482 2.33 -19.62 8.36
CA GLU A 482 3.48 -18.73 8.22
C GLU A 482 4.64 -19.53 7.65
N PHE A 483 4.89 -19.35 6.35
CA PHE A 483 6.07 -19.87 5.69
C PHE A 483 7.00 -18.77 5.21
N GLY A 484 6.64 -17.50 5.41
CA GLY A 484 7.47 -16.42 4.97
C GLY A 484 7.51 -16.21 3.47
N ILE A 485 6.47 -16.64 2.75
CA ILE A 485 6.46 -16.53 1.30
C ILE A 485 5.27 -15.71 0.84
N LYS A 486 4.82 -14.77 1.67
CA LYS A 486 3.66 -13.95 1.29
C LYS A 486 3.99 -13.03 0.12
N HIS A 487 5.21 -12.50 0.06
CA HIS A 487 5.59 -11.56 -0.98
C HIS A 487 6.30 -12.22 -2.16
N SER A 488 6.69 -13.48 -2.02
CA SER A 488 7.33 -14.17 -3.14
C SER A 488 6.32 -14.93 -4.00
N LEU A 489 5.32 -15.56 -3.36
CA LEU A 489 4.27 -16.23 -4.09
C LEU A 489 3.39 -15.26 -4.86
N PHE A 490 3.36 -13.99 -4.45
CA PHE A 490 2.43 -12.99 -4.96
C PHE A 490 2.28 -13.05 -6.48
N GLN A 491 3.39 -12.81 -7.18
CA GLN A 491 3.39 -12.79 -8.64
C GLN A 491 2.54 -13.90 -9.25
N ASP A 492 2.72 -15.13 -8.76
CA ASP A 492 2.02 -16.26 -9.35
C ASP A 492 0.50 -16.06 -9.31
N TYR A 493 -0.04 -15.78 -8.13
CA TYR A 493 -1.48 -15.57 -8.04
C TYR A 493 -1.94 -14.49 -9.00
N LEU A 494 -1.11 -13.46 -9.21
CA LEU A 494 -1.44 -12.40 -10.16
C LEU A 494 -1.87 -13.00 -11.49
N LEU A 495 -1.02 -13.85 -12.07
CA LEU A 495 -1.35 -14.48 -13.35
C LEU A 495 -2.63 -15.29 -13.23
N MET A 496 -2.76 -16.05 -12.14
CA MET A 496 -3.94 -16.89 -11.97
C MET A 496 -5.22 -16.08 -11.95
N ASP A 497 -5.12 -14.75 -11.76
CA ASP A 497 -6.29 -13.89 -11.71
C ASP A 497 -6.37 -12.97 -12.93
N THR A 498 -5.93 -13.45 -14.09
CA THR A 498 -6.28 -12.80 -15.34
C THR A 498 -7.54 -13.38 -15.96
N VAL A 499 -8.23 -14.28 -15.25
CA VAL A 499 -9.49 -14.82 -15.74
C VAL A 499 -10.60 -13.80 -15.61
N TYR A 500 -10.75 -13.22 -14.42
CA TYR A 500 -11.86 -12.31 -14.17
C TYR A 500 -11.85 -11.07 -15.04
N PRO A 501 -10.71 -10.43 -15.35
CA PRO A 501 -10.76 -9.34 -16.32
C PRO A 501 -11.28 -9.76 -17.68
N ALA A 502 -10.71 -10.82 -18.26
CA ALA A 502 -11.12 -11.30 -19.57
C ALA A 502 -12.63 -11.43 -19.67
N ILE A 503 -13.22 -12.22 -18.77
CA ILE A 503 -14.67 -12.40 -18.74
C ILE A 503 -15.37 -11.05 -18.77
N ALA A 504 -14.94 -10.14 -17.90
CA ALA A 504 -15.54 -8.80 -17.86
C ALA A 504 -15.56 -8.18 -19.25
N ILE A 505 -14.40 -8.15 -19.92
CA ILE A 505 -14.32 -7.60 -21.26
C ILE A 505 -15.40 -8.22 -22.15
N VAL A 506 -15.47 -9.55 -22.16
CA VAL A 506 -16.45 -10.23 -22.99
C VAL A 506 -17.84 -9.69 -22.71
N ILE A 507 -18.22 -9.64 -21.43
CA ILE A 507 -19.55 -9.16 -21.07
C ILE A 507 -19.80 -7.78 -21.68
N VAL A 508 -18.82 -6.89 -21.53
CA VAL A 508 -18.97 -5.53 -22.05
C VAL A 508 -19.37 -5.57 -23.51
N LEU A 509 -18.67 -6.39 -24.30
CA LEU A 509 -18.99 -6.50 -25.72
C LEU A 509 -20.47 -6.75 -25.93
N LEU A 510 -21.01 -7.76 -25.24
CA LEU A 510 -22.41 -8.10 -25.38
C LEU A 510 -23.28 -6.88 -25.17
N VAL A 511 -23.03 -6.14 -24.08
CA VAL A 511 -23.84 -4.96 -23.80
C VAL A 511 -23.81 -4.01 -24.99
N MET A 512 -22.62 -3.70 -25.50
CA MET A 512 -22.54 -2.81 -26.65
C MET A 512 -23.26 -3.42 -27.84
N CYS A 513 -23.10 -4.72 -28.05
CA CYS A 513 -23.77 -5.37 -29.18
C CYS A 513 -25.28 -5.30 -29.07
N VAL A 514 -25.82 -4.99 -27.89
CA VAL A 514 -27.25 -4.77 -27.76
C VAL A 514 -27.60 -3.31 -28.00
N TYR A 515 -26.74 -2.39 -27.57
CA TYR A 515 -27.07 -0.97 -27.73
C TYR A 515 -26.85 -0.53 -29.16
N THR A 516 -25.61 -0.61 -29.64
CA THR A 516 -25.33 -0.40 -31.05
C THR A 516 -25.57 -1.71 -31.78
N LYS A 517 -26.61 -1.74 -32.62
CA LYS A 517 -27.11 -2.99 -33.18
C LYS A 517 -26.07 -3.77 -33.97
N SER A 518 -24.93 -3.18 -34.29
CA SER A 518 -23.90 -3.85 -35.05
C SER A 518 -22.86 -4.48 -34.13
N MET A 519 -22.09 -5.42 -34.68
CA MET A 519 -20.95 -6.01 -34.00
C MET A 519 -19.63 -5.44 -34.47
N PHE A 520 -19.57 -4.97 -35.71
CA PHE A 520 -18.39 -4.31 -36.24
C PHE A 520 -17.96 -3.16 -35.34
N ILE A 521 -18.91 -2.31 -34.96
CA ILE A 521 -18.60 -1.14 -34.14
C ILE A 521 -18.06 -1.56 -32.78
N THR A 522 -18.67 -2.58 -32.17
CA THR A 522 -18.22 -3.01 -30.84
C THR A 522 -16.81 -3.58 -30.90
N LEU A 523 -16.55 -4.45 -31.88
CA LEU A 523 -15.21 -5.01 -32.01
C LEU A 523 -14.18 -3.92 -32.25
N MET A 524 -14.49 -2.95 -33.12
CA MET A 524 -13.54 -1.89 -33.39
C MET A 524 -13.34 -0.99 -32.18
N THR A 525 -14.38 -0.79 -31.36
CA THR A 525 -14.23 0.03 -30.16
C THR A 525 -13.32 -0.66 -29.14
N MET A 526 -13.54 -1.96 -28.91
CA MET A 526 -12.65 -2.67 -28.00
C MET A 526 -11.23 -2.69 -28.52
N PHE A 527 -11.04 -2.83 -29.83
CA PHE A 527 -9.71 -2.75 -30.40
C PHE A 527 -9.11 -1.36 -30.18
N ALA A 528 -9.92 -0.32 -30.27
CA ALA A 528 -9.42 1.03 -30.03
C ALA A 528 -8.95 1.20 -28.60
N ILE A 529 -9.69 0.63 -27.65
CA ILE A 529 -9.31 0.74 -26.24
C ILE A 529 -7.98 0.03 -25.98
N ILE A 530 -7.88 -1.22 -26.46
CA ILE A 530 -6.63 -1.96 -26.28
C ILE A 530 -5.48 -1.25 -26.96
N SER A 531 -5.71 -0.72 -28.16
CA SER A 531 -4.69 0.02 -28.87
C SER A 531 -4.25 1.25 -28.09
N SER A 532 -5.20 1.93 -27.44
CA SER A 532 -4.86 3.09 -26.63
C SER A 532 -3.95 2.68 -25.48
N LEU A 533 -4.27 1.58 -24.81
CA LEU A 533 -3.39 1.09 -23.75
C LEU A 533 -1.98 0.84 -24.29
N ILE A 534 -1.87 0.22 -25.47
CA ILE A 534 -0.56 -0.15 -26.00
C ILE A 534 0.25 1.10 -26.33
N VAL A 535 -0.34 2.02 -27.09
CA VAL A 535 0.41 3.21 -27.48
C VAL A 535 0.72 4.08 -26.27
N SER A 536 -0.13 4.03 -25.23
CA SER A 536 0.18 4.76 -24.02
C SER A 536 1.37 4.15 -23.30
N TYR A 537 1.45 2.82 -23.26
CA TYR A 537 2.65 2.18 -22.71
C TYR A 537 3.90 2.60 -23.49
N PHE A 538 3.79 2.64 -24.82
CA PHE A 538 4.93 3.03 -25.64
C PHE A 538 5.38 4.45 -25.31
N LEU A 539 4.42 5.39 -25.28
CA LEU A 539 4.76 6.76 -24.91
C LEU A 539 5.29 6.84 -23.49
N TYR A 540 4.92 5.88 -22.65
CA TYR A 540 5.34 5.90 -21.26
C TYR A 540 6.81 5.51 -21.13
N ARG A 541 7.19 4.37 -21.70
CA ARG A 541 8.50 3.82 -21.41
C ARG A 541 9.61 4.43 -22.26
N VAL A 542 9.32 4.82 -23.49
CA VAL A 542 10.39 5.16 -24.44
C VAL A 542 10.68 6.65 -24.44
N VAL A 543 9.70 7.47 -24.81
CA VAL A 543 9.96 8.89 -24.98
C VAL A 543 10.05 9.61 -23.64
N PHE A 544 9.16 9.27 -22.71
CA PHE A 544 9.19 9.92 -21.40
C PHE A 544 10.44 9.56 -20.60
N HIS A 545 11.12 8.48 -20.97
CA HIS A 545 12.47 8.11 -20.57
C HIS A 545 12.61 7.60 -19.14
N PHE A 546 11.56 7.57 -18.33
CA PHE A 546 11.71 7.06 -16.97
C PHE A 546 11.19 5.63 -16.88
N GLU A 547 11.90 4.81 -16.10
CA GLU A 547 11.78 3.35 -16.16
C GLU A 547 11.36 2.80 -14.80
N PHE A 548 10.06 2.60 -14.65
CA PHE A 548 9.52 1.91 -13.48
C PHE A 548 8.06 1.55 -13.75
N PHE A 549 7.68 0.31 -13.50
CA PHE A 549 6.30 -0.14 -13.75
C PHE A 549 5.77 -0.70 -12.44
N PRO A 550 5.09 0.11 -11.63
CA PRO A 550 4.91 -0.22 -10.21
C PRO A 550 3.77 -1.19 -9.92
N PHE A 551 3.28 -1.85 -10.96
CA PHE A 551 2.25 -2.89 -10.87
C PHE A 551 0.87 -2.29 -10.58
N MET A 552 0.82 -1.05 -10.10
CA MET A 552 -0.48 -0.42 -9.92
C MET A 552 -1.08 -0.08 -11.27
N ASN A 553 -0.23 0.23 -12.24
CA ASN A 553 -0.69 0.41 -13.61
C ASN A 553 -1.48 -0.79 -14.11
N LEU A 554 -1.25 -1.98 -13.54
CA LEU A 554 -2.07 -3.13 -13.86
C LEU A 554 -3.54 -2.78 -13.70
N THR A 555 -3.93 -2.37 -12.50
CA THR A 555 -5.33 -2.06 -12.24
C THR A 555 -5.82 -0.89 -13.08
N ALA A 556 -4.96 -0.28 -13.89
CA ALA A 556 -5.43 0.73 -14.83
C ALA A 556 -6.36 0.11 -15.88
N LEU A 557 -6.02 -1.08 -16.38
CA LEU A 557 -6.78 -1.68 -17.47
C LEU A 557 -8.27 -1.65 -17.17
N ILE A 558 -8.66 -2.23 -16.02
CA ILE A 558 -10.07 -2.26 -15.63
C ILE A 558 -10.69 -0.88 -15.76
N ILE A 559 -10.06 0.13 -15.15
CA ILE A 559 -10.60 1.48 -15.18
C ILE A 559 -10.86 1.91 -16.62
N LEU A 560 -9.88 1.70 -17.50
CA LEU A 560 -10.03 2.17 -18.87
C LEU A 560 -11.19 1.46 -19.56
N VAL A 561 -11.39 0.18 -19.28
CA VAL A 561 -12.50 -0.54 -19.88
C VAL A 561 -13.83 0.09 -19.46
N GLY A 562 -13.89 0.57 -18.22
CA GLY A 562 -15.09 1.24 -17.76
C GLY A 562 -15.25 2.68 -18.21
N ILE A 563 -14.25 3.24 -18.88
CA ILE A 563 -14.30 4.63 -19.32
C ILE A 563 -14.11 4.78 -20.82
N GLY A 564 -13.65 3.73 -21.50
CA GLY A 564 -13.46 3.82 -22.94
C GLY A 564 -14.77 3.81 -23.69
N ALA A 565 -15.75 3.06 -23.18
CA ALA A 565 -17.05 3.03 -23.83
C ALA A 565 -17.84 4.30 -23.54
N ASN A 566 -17.51 5.00 -22.45
CA ASN A 566 -18.28 6.14 -21.96
C ASN A 566 -18.51 7.20 -23.04
N ASN A 567 -17.74 7.15 -24.11
CA ASN A 567 -17.88 8.06 -25.23
C ASN A 567 -18.49 7.41 -26.46
N ALA A 568 -18.09 6.17 -26.77
CA ALA A 568 -18.57 5.47 -27.96
C ALA A 568 -20.07 5.62 -28.13
N PHE A 569 -20.83 5.15 -27.12
CA PHE A 569 -22.27 5.29 -27.11
C PHE A 569 -22.69 6.68 -27.59
N VAL A 570 -22.24 7.71 -26.85
CA VAL A 570 -22.63 9.08 -27.17
C VAL A 570 -22.49 9.32 -28.66
N LEU A 571 -21.29 9.07 -29.21
CA LEU A 571 -21.07 9.33 -30.62
C LEU A 571 -22.12 8.64 -31.46
N CYS A 572 -22.21 7.31 -31.35
CA CYS A 572 -23.20 6.57 -32.12
C CYS A 572 -24.58 7.19 -31.95
N ASP A 573 -24.96 7.46 -30.70
CA ASP A 573 -26.26 8.05 -30.43
C ASP A 573 -26.47 9.28 -31.30
N VAL A 574 -25.56 10.26 -31.19
CA VAL A 574 -25.71 11.51 -31.92
C VAL A 574 -25.86 11.22 -33.41
N TRP A 575 -25.04 10.30 -33.93
CA TRP A 575 -25.11 9.95 -35.33
C TRP A 575 -26.54 9.60 -35.73
N ASN A 576 -27.15 8.67 -35.01
CA ASN A 576 -28.51 8.25 -35.34
C ASN A 576 -29.46 9.44 -35.38
N TYR A 577 -29.33 10.35 -34.42
CA TYR A 577 -30.21 11.52 -34.41
C TYR A 577 -29.99 12.35 -35.67
N THR A 578 -28.72 12.62 -36.01
CA THR A 578 -28.45 13.39 -37.20
C THR A 578 -28.84 12.62 -38.46
N LYS A 579 -29.09 11.32 -38.35
CA LYS A 579 -29.63 10.57 -39.48
C LYS A 579 -31.14 10.67 -39.56
N PHE A 580 -31.83 10.83 -38.43
CA PHE A 580 -33.28 10.99 -38.47
C PHE A 580 -33.66 12.32 -39.11
N ASP A 581 -33.12 13.41 -38.61
CA ASP A 581 -33.25 14.69 -39.27
C ASP A 581 -32.39 14.70 -40.54
N LYS A 582 -32.88 15.39 -41.56
CA LYS A 582 -32.21 15.49 -42.86
C LYS A 582 -31.79 14.11 -43.37
N PRO A 583 -32.74 13.25 -43.73
CA PRO A 583 -32.38 11.90 -44.18
C PRO A 583 -31.60 11.90 -45.48
N HIS A 584 -32.10 12.63 -46.47
CA HIS A 584 -31.45 12.73 -47.77
C HIS A 584 -30.33 13.76 -47.66
N ALA A 585 -29.10 13.28 -47.51
CA ALA A 585 -27.96 14.18 -47.33
C ALA A 585 -26.68 13.43 -47.66
N GLU A 586 -25.62 14.20 -47.88
CA GLU A 586 -24.30 13.62 -48.13
C GLU A 586 -23.64 13.24 -46.82
N THR A 587 -22.71 12.29 -46.89
CA THR A 587 -22.03 11.84 -45.69
C THR A 587 -21.17 12.93 -45.07
N SER A 588 -20.63 13.82 -45.90
CA SER A 588 -19.71 14.84 -45.39
C SER A 588 -20.42 15.79 -44.43
N GLU A 589 -21.59 16.30 -44.82
CA GLU A 589 -22.29 17.25 -43.97
C GLU A 589 -22.80 16.58 -42.69
N THR A 590 -23.26 15.33 -42.80
CA THR A 590 -23.67 14.59 -41.61
C THR A 590 -22.51 14.40 -40.65
N VAL A 591 -21.33 14.06 -41.18
CA VAL A 591 -20.16 13.87 -40.34
C VAL A 591 -19.77 15.18 -39.67
N SER A 592 -19.78 16.28 -40.41
CA SER A 592 -19.43 17.57 -39.81
C SER A 592 -20.41 17.93 -38.70
N ILE A 593 -21.70 17.71 -38.93
CA ILE A 593 -22.71 18.05 -37.93
C ILE A 593 -22.48 17.22 -36.66
N THR A 594 -22.36 15.90 -36.81
CA THR A 594 -22.21 15.06 -35.62
C THR A 594 -20.91 15.35 -34.90
N LEU A 595 -19.85 15.69 -35.63
CA LEU A 595 -18.60 16.05 -34.98
C LEU A 595 -18.75 17.33 -34.18
N GLN A 596 -19.38 18.35 -34.77
CA GLN A 596 -19.60 19.59 -34.04
C GLN A 596 -20.48 19.36 -32.81
N HIS A 597 -21.38 18.37 -32.87
CA HIS A 597 -22.27 18.14 -31.74
C HIS A 597 -21.63 17.31 -30.64
N ALA A 598 -20.68 16.44 -30.96
CA ALA A 598 -20.17 15.50 -29.98
C ALA A 598 -18.74 15.75 -29.51
N ALA A 599 -17.91 16.43 -30.31
CA ALA A 599 -16.49 16.51 -30.00
C ALA A 599 -16.24 17.25 -28.69
N LEU A 600 -16.89 18.41 -28.51
CA LEU A 600 -16.66 19.19 -27.30
C LEU A 600 -17.08 18.43 -26.05
N SER A 601 -18.24 17.78 -26.10
CA SER A 601 -18.71 17.05 -24.93
C SER A 601 -17.80 15.88 -24.60
N MET A 602 -17.39 15.10 -25.61
CA MET A 602 -16.48 14.00 -25.36
C MET A 602 -15.14 14.49 -24.82
N PHE A 603 -14.68 15.64 -25.31
CA PHE A 603 -13.41 16.18 -24.85
C PHE A 603 -13.50 16.61 -23.38
N VAL A 604 -14.59 17.28 -23.01
CA VAL A 604 -14.75 17.66 -21.61
C VAL A 604 -14.80 16.42 -20.72
N THR A 605 -15.62 15.44 -21.10
CA THR A 605 -15.77 14.23 -20.31
C THR A 605 -14.44 13.52 -20.12
N SER A 606 -13.62 13.44 -21.17
CA SER A 606 -12.34 12.74 -21.03
C SER A 606 -11.30 13.58 -20.31
N PHE A 607 -11.24 14.87 -20.61
CA PHE A 607 -10.17 15.71 -20.07
C PHE A 607 -10.34 15.95 -18.57
N THR A 608 -11.57 15.97 -18.06
CA THR A 608 -11.71 16.13 -16.62
C THR A 608 -11.07 14.96 -15.87
N THR A 609 -11.35 13.73 -16.32
CA THR A 609 -10.73 12.57 -15.69
C THR A 609 -9.22 12.54 -15.92
N ALA A 610 -8.78 12.95 -17.11
CA ALA A 610 -7.33 13.02 -17.36
C ALA A 610 -6.66 13.97 -16.39
N ALA A 611 -7.27 15.13 -16.14
CA ALA A 611 -6.68 16.07 -15.20
C ALA A 611 -6.71 15.53 -13.78
N ALA A 612 -7.78 14.84 -13.41
CA ALA A 612 -7.84 14.23 -12.08
C ALA A 612 -6.74 13.20 -11.89
N PHE A 613 -6.43 12.44 -12.95
CA PHE A 613 -5.36 11.44 -12.84
C PHE A 613 -3.98 12.08 -12.90
N TYR A 614 -3.82 13.20 -13.61
CA TYR A 614 -2.53 13.87 -13.66
C TYR A 614 -2.22 14.63 -12.39
N ALA A 615 -3.25 15.04 -11.65
CA ALA A 615 -3.03 15.80 -10.43
C ALA A 615 -2.32 14.99 -9.35
N ASN A 616 -2.10 13.69 -9.54
CA ASN A 616 -1.32 12.90 -8.60
C ASN A 616 0.18 13.05 -8.80
N TYR A 617 0.61 13.85 -9.76
CA TYR A 617 2.03 14.13 -9.95
C TYR A 617 2.56 15.08 -8.92
N VAL A 618 1.78 15.37 -7.88
CA VAL A 618 2.19 16.27 -6.82
C VAL A 618 2.74 15.52 -5.62
N SER A 619 2.13 14.38 -5.28
CA SER A 619 2.57 13.61 -4.12
C SER A 619 4.02 13.18 -4.28
N ASN A 620 4.66 12.87 -3.15
CA ASN A 620 6.08 12.55 -3.13
C ASN A 620 6.36 11.09 -3.41
N ILE A 621 5.42 10.20 -3.06
CA ILE A 621 5.63 8.77 -3.32
C ILE A 621 5.83 8.55 -4.82
N THR A 622 6.52 7.47 -5.15
CA THR A 622 6.86 7.22 -6.54
C THR A 622 5.80 6.40 -7.28
N ALA A 623 5.24 5.39 -6.61
CA ALA A 623 4.22 4.55 -7.25
C ALA A 623 3.03 5.40 -7.69
N ILE A 624 2.58 6.32 -6.83
CA ILE A 624 1.47 7.19 -7.17
C ILE A 624 1.81 8.06 -8.37
N ARG A 625 3.03 8.61 -8.39
CA ARG A 625 3.45 9.46 -9.50
C ARG A 625 3.38 8.70 -10.82
N CYS A 626 3.99 7.52 -10.87
CA CYS A 626 4.01 6.76 -12.11
C CYS A 626 2.60 6.35 -12.54
N PHE A 627 1.78 5.90 -11.60
CA PHE A 627 0.41 5.51 -11.93
C PHE A 627 -0.37 6.67 -12.51
N GLY A 628 -0.24 7.85 -11.90
CA GLY A 628 -0.95 9.01 -12.39
C GLY A 628 -0.54 9.36 -13.82
N VAL A 629 0.76 9.43 -14.07
CA VAL A 629 1.23 9.78 -15.41
C VAL A 629 0.69 8.78 -16.45
N TYR A 630 0.81 7.48 -16.14
CA TYR A 630 0.40 6.47 -17.10
C TYR A 630 -1.10 6.55 -17.39
N ALA A 631 -1.93 6.63 -16.35
CA ALA A 631 -3.37 6.65 -16.57
C ALA A 631 -3.79 7.91 -17.33
N GLY A 632 -3.20 9.05 -17.00
CA GLY A 632 -3.53 10.27 -17.73
C GLY A 632 -3.22 10.17 -19.21
N THR A 633 -2.02 9.69 -19.54
CA THR A 633 -1.68 9.53 -20.95
C THR A 633 -2.62 8.56 -21.64
N ALA A 634 -2.97 7.46 -20.96
CA ALA A 634 -3.89 6.50 -21.54
C ALA A 634 -5.23 7.14 -21.88
N ILE A 635 -5.78 7.94 -20.96
CA ILE A 635 -7.09 8.55 -21.18
C ILE A 635 -7.05 9.52 -22.34
N LEU A 636 -6.03 10.38 -22.38
CA LEU A 636 -5.96 11.35 -23.48
C LEU A 636 -5.81 10.67 -24.83
N VAL A 637 -4.96 9.65 -24.91
CA VAL A 637 -4.79 8.96 -26.19
C VAL A 637 -6.08 8.25 -26.59
N ASN A 638 -6.79 7.68 -25.62
CA ASN A 638 -8.07 7.06 -25.94
C ASN A 638 -9.06 8.07 -26.48
N TYR A 639 -9.04 9.30 -25.96
CA TYR A 639 -9.90 10.34 -26.53
C TYR A 639 -9.53 10.63 -27.98
N VAL A 640 -8.23 10.76 -28.25
CA VAL A 640 -7.80 11.04 -29.62
C VAL A 640 -8.28 9.94 -30.56
N LEU A 641 -8.15 8.68 -30.14
CA LEU A 641 -8.65 7.59 -30.97
C LEU A 641 -10.17 7.64 -31.11
N MET A 642 -10.88 8.01 -30.05
CA MET A 642 -12.33 8.12 -30.16
C MET A 642 -12.73 9.18 -31.17
N VAL A 643 -11.91 10.23 -31.32
CA VAL A 643 -12.26 11.27 -32.29
C VAL A 643 -11.86 10.87 -33.71
N THR A 644 -10.75 10.15 -33.90
CA THR A 644 -10.27 9.86 -35.23
C THR A 644 -10.78 8.52 -35.79
N TRP A 645 -10.64 7.45 -35.01
CA TRP A 645 -10.89 6.10 -35.49
C TRP A 645 -12.37 5.82 -35.69
N LEU A 646 -13.20 6.21 -34.71
CA LEU A 646 -14.63 5.89 -34.70
C LEU A 646 -15.43 6.47 -35.86
N PRO A 647 -15.25 7.74 -36.23
CA PRO A 647 -15.99 8.24 -37.41
C PRO A 647 -15.74 7.42 -38.66
N ALA A 648 -14.50 7.00 -38.86
CA ALA A 648 -14.18 6.18 -40.03
C ALA A 648 -15.00 4.89 -40.04
N VAL A 649 -14.98 4.16 -38.92
CA VAL A 649 -15.68 2.88 -38.89
C VAL A 649 -17.19 3.09 -38.96
N VAL A 650 -17.70 4.22 -38.45
CA VAL A 650 -19.13 4.48 -38.51
C VAL A 650 -19.55 4.72 -39.96
N VAL A 651 -18.87 5.64 -40.64
CA VAL A 651 -19.17 5.89 -42.06
C VAL A 651 -19.04 4.61 -42.87
N LEU A 652 -17.93 3.89 -42.69
CA LEU A 652 -17.72 2.66 -43.43
C LEU A 652 -18.83 1.65 -43.15
N HIS A 653 -19.37 1.63 -41.94
CA HIS A 653 -20.51 0.78 -41.66
C HIS A 653 -21.77 1.36 -42.29
N GLU A 654 -22.08 0.93 -43.51
CA GLU A 654 -23.28 1.34 -44.21
C GLU A 654 -24.29 0.22 -44.44
N ARG A 655 -23.86 -1.03 -44.33
CA ARG A 655 -24.76 -2.17 -44.49
C ARG A 655 -25.57 -2.43 -43.24
N ALA A 681 -34.08 -18.63 -37.14
CA ALA A 681 -34.81 -18.04 -36.04
C ALA A 681 -34.70 -16.51 -36.06
N CYS A 682 -34.61 -15.96 -37.28
CA CYS A 682 -34.49 -14.52 -37.42
C CYS A 682 -35.70 -13.79 -36.88
N GLN A 683 -36.89 -14.35 -37.09
CA GLN A 683 -38.13 -13.68 -36.69
C GLN A 683 -38.20 -13.51 -35.18
N LYS A 684 -37.87 -14.57 -34.43
CA LYS A 684 -37.95 -14.51 -32.98
C LYS A 684 -36.96 -13.50 -32.41
N CYS A 685 -35.70 -13.57 -32.84
CA CYS A 685 -34.71 -12.62 -32.36
C CYS A 685 -35.10 -11.20 -32.70
N HIS A 686 -35.59 -10.97 -33.92
CA HIS A 686 -35.97 -9.63 -34.33
C HIS A 686 -37.13 -9.10 -33.49
N LYS A 687 -38.14 -9.94 -33.23
CA LYS A 687 -39.30 -9.47 -32.48
C LYS A 687 -38.95 -9.22 -31.01
N VAL A 688 -38.13 -10.09 -30.41
CA VAL A 688 -37.75 -9.84 -29.02
C VAL A 688 -36.84 -8.62 -28.92
N LEU A 689 -35.98 -8.39 -29.91
CA LEU A 689 -35.14 -7.19 -29.87
C LEU A 689 -35.99 -5.93 -30.02
N PHE A 690 -37.00 -5.96 -30.89
CA PHE A 690 -37.89 -4.81 -30.99
C PHE A 690 -38.69 -4.62 -29.72
N ALA A 691 -39.06 -5.70 -29.03
CA ALA A 691 -39.73 -5.59 -27.75
C ALA A 691 -38.84 -4.87 -26.74
N ILE A 692 -37.56 -5.28 -26.66
CA ILE A 692 -36.64 -4.63 -25.74
C ILE A 692 -36.46 -3.16 -26.11
N SER A 693 -36.41 -2.87 -27.41
CA SER A 693 -36.23 -1.48 -27.85
C SER A 693 -37.42 -0.62 -27.43
N GLU A 694 -38.64 -1.10 -27.68
CA GLU A 694 -39.82 -0.31 -27.31
C GLU A 694 -39.93 -0.18 -25.79
N ALA A 695 -39.52 -1.21 -25.05
CA ALA A 695 -39.53 -1.14 -23.60
C ALA A 695 -38.59 -0.05 -23.11
N SER A 696 -37.36 -0.03 -23.63
CA SER A 696 -36.40 0.99 -23.23
C SER A 696 -36.91 2.38 -23.60
N ARG A 697 -37.52 2.50 -24.79
CA ARG A 697 -38.04 3.80 -25.22
C ARG A 697 -39.12 4.30 -24.28
N ILE A 698 -40.11 3.46 -23.98
CA ILE A 698 -41.20 3.90 -23.11
C ILE A 698 -40.72 4.12 -21.69
N PHE A 699 -39.64 3.43 -21.29
CA PHE A 699 -39.07 3.68 -19.97
C PHE A 699 -38.44 5.07 -19.90
N PHE A 700 -37.51 5.35 -20.81
CA PHE A 700 -36.76 6.60 -20.71
C PHE A 700 -37.47 7.78 -21.33
N GLU A 701 -38.65 7.61 -21.92
CA GLU A 701 -39.33 8.70 -22.58
C GLU A 701 -40.57 9.21 -21.84
N LYS A 702 -41.30 8.33 -21.15
CA LYS A 702 -42.52 8.72 -20.47
C LYS A 702 -42.42 8.59 -18.95
N VAL A 703 -42.13 7.41 -18.43
CA VAL A 703 -42.35 7.16 -17.01
C VAL A 703 -41.25 7.77 -16.14
N LEU A 704 -40.01 7.82 -16.63
CA LEU A 704 -38.93 8.39 -15.82
C LEU A 704 -39.14 9.87 -15.56
N PRO A 705 -39.49 10.71 -16.55
CA PRO A 705 -39.78 12.11 -16.22
C PRO A 705 -40.86 12.27 -15.17
N CYS A 706 -41.91 11.44 -15.24
CA CYS A 706 -42.98 11.55 -14.24
C CYS A 706 -42.47 11.16 -12.86
N ILE A 707 -41.83 10.00 -12.74
CA ILE A 707 -41.38 9.57 -11.42
C ILE A 707 -40.31 10.52 -10.86
N VAL A 708 -39.61 11.25 -11.72
CA VAL A 708 -38.61 12.19 -11.24
C VAL A 708 -39.23 13.52 -10.84
N ILE A 709 -40.20 14.03 -11.61
CA ILE A 709 -40.68 15.38 -11.41
C ILE A 709 -41.97 15.46 -10.58
N LYS A 710 -42.67 14.35 -10.37
CA LYS A 710 -43.90 14.41 -9.61
C LYS A 710 -43.63 14.43 -8.11
N PHE A 711 -42.79 13.51 -7.64
CA PHE A 711 -42.44 13.49 -6.22
C PHE A 711 -41.73 14.79 -5.84
N ARG A 712 -40.51 14.97 -6.33
CA ARG A 712 -39.87 16.28 -6.41
C ARG A 712 -39.55 16.86 -5.03
N TYR A 713 -39.95 16.18 -3.97
CA TYR A 713 -39.71 16.73 -2.63
C TYR A 713 -39.15 15.65 -1.71
N LEU A 714 -39.45 14.39 -1.99
CA LEU A 714 -38.80 13.31 -1.27
C LEU A 714 -37.32 13.26 -1.60
N TRP A 715 -36.97 13.47 -2.88
CA TRP A 715 -35.58 13.34 -3.30
C TRP A 715 -34.73 14.45 -2.70
N LEU A 716 -35.23 15.69 -2.68
CA LEU A 716 -34.48 16.80 -2.10
C LEU A 716 -34.08 16.50 -0.66
N PHE A 717 -35.07 16.23 0.19
CA PHE A 717 -34.78 16.02 1.60
C PHE A 717 -33.96 14.75 1.81
N TRP A 718 -34.27 13.69 1.07
CA TRP A 718 -33.51 12.45 1.19
C TRP A 718 -32.03 12.67 0.92
N PHE A 719 -31.72 13.34 -0.19
CA PHE A 719 -30.33 13.53 -0.56
C PHE A 719 -29.65 14.56 0.32
N LEU A 720 -30.38 15.55 0.82
CA LEU A 720 -29.77 16.47 1.78
C LEU A 720 -29.43 15.75 3.07
N ALA A 721 -30.31 14.86 3.53
CA ALA A 721 -30.02 14.05 4.71
C ALA A 721 -28.80 13.17 4.48
N LEU A 722 -28.71 12.54 3.31
CA LEU A 722 -27.56 11.69 3.02
C LEU A 722 -26.27 12.50 2.96
N THR A 723 -26.33 13.70 2.35
CA THR A 723 -25.14 14.54 2.30
C THR A 723 -24.69 14.94 3.69
N VAL A 724 -25.64 15.33 4.55
CA VAL A 724 -25.29 15.74 5.90
C VAL A 724 -24.71 14.57 6.68
N GLY A 725 -25.29 13.37 6.52
CA GLY A 725 -24.74 12.20 7.20
C GLY A 725 -23.35 11.87 6.73
N GLY A 726 -23.11 11.92 5.42
CA GLY A 726 -21.77 11.68 4.92
C GLY A 726 -20.77 12.69 5.43
N ALA A 727 -21.15 13.98 5.46
CA ALA A 727 -20.25 14.99 6.00
C ALA A 727 -19.95 14.74 7.47
N TYR A 728 -20.96 14.29 8.22
CA TYR A 728 -20.74 14.01 9.64
C TYR A 728 -19.85 12.79 9.84
N ILE A 729 -19.92 11.81 8.95
CA ILE A 729 -19.06 10.63 9.09
C ILE A 729 -17.64 10.94 8.64
N VAL A 730 -17.48 11.87 7.70
CA VAL A 730 -16.13 12.19 7.23
C VAL A 730 -15.44 13.19 8.16
N CYS A 731 -16.19 14.11 8.77
CA CYS A 731 -15.58 15.22 9.48
C CYS A 731 -15.64 15.10 11.00
N ILE A 732 -16.59 14.35 11.56
CA ILE A 732 -16.74 14.31 13.01
C ILE A 732 -16.51 12.89 13.54
N ASN A 733 -17.36 11.95 13.13
CA ASN A 733 -17.28 10.57 13.60
C ASN A 733 -16.12 9.92 12.81
N PRO A 734 -15.74 8.64 13.12
CA PRO A 734 -14.35 8.24 12.82
C PRO A 734 -13.97 8.42 11.36
N LYS A 735 -13.04 9.33 11.10
CA LYS A 735 -12.61 9.62 9.74
C LYS A 735 -11.69 8.51 9.26
N MET A 736 -11.10 8.69 8.08
CA MET A 736 -10.18 7.69 7.54
C MET A 736 -8.95 7.64 8.42
N LYS A 737 -8.88 6.62 9.28
CA LYS A 737 -7.72 6.45 10.14
C LYS A 737 -6.49 6.10 9.32
N LEU A 738 -5.37 6.76 9.62
CA LEU A 738 -4.12 6.47 8.95
C LEU A 738 -3.73 5.02 9.22
N PRO A 739 -2.96 4.41 8.32
CA PRO A 739 -2.67 2.97 8.45
C PRO A 739 -1.95 2.66 9.76
N SER A 740 -2.04 1.39 10.18
CA SER A 740 -1.50 0.98 11.46
C SER A 740 -0.53 -0.18 11.33
N LEU A 741 -0.72 -1.04 10.34
CA LEU A 741 0.24 -2.11 10.11
C LEU A 741 1.54 -1.55 9.58
N GLU A 742 2.64 -2.19 9.95
CA GLU A 742 3.96 -1.72 9.56
C GLU A 742 4.12 -1.80 8.04
N LEU A 743 5.19 -1.17 7.55
CA LEU A 743 5.41 -1.13 6.11
C LEU A 743 5.63 -2.52 5.53
N SER A 744 6.32 -3.39 6.28
CA SER A 744 6.66 -4.71 5.77
C SER A 744 5.49 -5.69 5.81
N GLU A 745 4.36 -5.31 6.40
CA GLU A 745 3.24 -6.23 6.60
C GLU A 745 1.95 -5.67 6.01
N PHE A 746 2.03 -5.03 4.84
CA PHE A 746 0.84 -4.57 4.16
C PHE A 746 -0.03 -5.75 3.74
N GLN A 747 -1.34 -5.58 3.89
CA GLN A 747 -2.28 -6.57 3.40
C GLN A 747 -2.30 -6.53 1.89
N VAL A 748 -1.87 -7.62 1.24
CA VAL A 748 -1.78 -7.69 -0.21
C VAL A 748 -2.77 -8.69 -0.79
N PHE A 749 -3.00 -9.81 -0.10
CA PHE A 749 -3.93 -10.81 -0.57
C PHE A 749 -5.33 -10.52 -0.04
N ARG A 750 -6.27 -11.41 -0.36
CA ARG A 750 -7.62 -11.27 0.16
C ARG A 750 -7.61 -11.33 1.68
N SER A 751 -8.68 -10.81 2.28
CA SER A 751 -8.76 -10.73 3.74
C SER A 751 -9.07 -12.06 4.41
N SER A 752 -9.24 -13.14 3.64
CA SER A 752 -9.54 -14.44 4.21
C SER A 752 -8.50 -15.49 3.86
N HIS A 753 -7.43 -15.11 3.16
CA HIS A 753 -6.35 -16.03 2.89
C HIS A 753 -5.69 -16.43 4.21
N PRO A 754 -5.14 -17.64 4.29
CA PRO A 754 -4.42 -18.02 5.52
C PRO A 754 -3.27 -17.09 5.85
N PHE A 755 -2.43 -16.79 4.84
CA PHE A 755 -1.28 -15.91 5.05
C PHE A 755 -1.69 -14.60 5.69
N GLU A 756 -2.84 -14.07 5.30
CA GLU A 756 -3.28 -12.77 5.82
C GLU A 756 -4.04 -12.89 7.13
N ARG A 757 -4.85 -13.93 7.27
CA ARG A 757 -5.57 -14.12 8.53
C ARG A 757 -4.59 -14.30 9.69
N TYR A 758 -3.51 -15.04 9.46
CA TYR A 758 -2.48 -15.18 10.48
C TYR A 758 -2.00 -13.83 10.96
N ASP A 759 -1.44 -13.04 10.04
CA ASP A 759 -0.89 -11.73 10.38
C ASP A 759 -1.93 -10.78 10.94
N ALA A 760 -3.22 -11.00 10.63
CA ALA A 760 -4.24 -10.08 11.12
C ALA A 760 -4.64 -10.39 12.56
N GLU A 761 -4.79 -11.66 12.91
CA GLU A 761 -5.29 -12.02 14.23
C GLU A 761 -4.28 -12.76 15.10
N TYR A 762 -3.68 -13.83 14.58
CA TYR A 762 -2.97 -14.75 15.44
C TYR A 762 -1.59 -14.23 15.83
N LYS A 763 -1.03 -13.28 15.08
CA LYS A 763 0.16 -12.60 15.55
C LYS A 763 -0.14 -11.76 16.78
N LYS A 764 -1.39 -11.32 16.93
CA LYS A 764 -1.77 -10.51 18.08
C LYS A 764 -2.35 -11.32 19.23
N LEU A 765 -2.83 -12.54 18.96
CA LEU A 765 -3.43 -13.31 20.03
C LEU A 765 -2.43 -14.19 20.77
N PHE A 766 -1.26 -14.44 20.20
CA PHE A 766 -0.26 -15.30 20.84
C PHE A 766 0.74 -14.46 21.62
N MET A 767 1.23 -15.03 22.73
CA MET A 767 2.01 -14.26 23.69
C MET A 767 3.47 -14.12 23.25
N PHE A 768 4.03 -15.16 22.63
CA PHE A 768 5.44 -15.12 22.28
C PHE A 768 5.75 -14.07 21.22
N GLU A 769 4.74 -13.59 20.52
CA GLU A 769 4.90 -12.45 19.62
C GLU A 769 4.32 -11.16 20.17
N ARG A 770 3.30 -11.26 21.02
CA ARG A 770 2.78 -10.07 21.68
C ARG A 770 3.82 -9.44 22.59
N VAL A 771 4.69 -10.25 23.20
CA VAL A 771 5.76 -9.69 24.03
C VAL A 771 6.71 -8.86 23.20
N HIS A 772 6.97 -9.27 21.95
CA HIS A 772 7.76 -8.45 21.06
C HIS A 772 6.98 -7.24 20.57
N HIS A 773 5.66 -7.36 20.46
CA HIS A 773 4.83 -6.24 20.02
C HIS A 773 4.88 -5.13 21.04
N GLY A 774 5.56 -4.03 20.70
CA GLY A 774 5.74 -2.94 21.64
C GLY A 774 6.62 -3.33 22.81
N GLU A 775 7.79 -3.89 22.51
CA GLU A 775 8.65 -4.45 23.55
C GLU A 775 9.49 -3.37 24.21
N GLU A 776 8.86 -2.30 24.65
CA GLU A 776 9.51 -1.21 25.40
C GLU A 776 10.82 -0.79 24.73
N LEU A 777 10.71 -0.31 23.50
CA LEU A 777 11.87 0.14 22.73
C LEU A 777 11.87 1.66 22.73
N HIS A 778 12.84 2.25 23.41
CA HIS A 778 12.97 3.70 23.43
C HIS A 778 13.47 4.19 22.08
N MET A 779 13.28 5.48 21.84
CA MET A 779 13.60 6.09 20.56
C MET A 779 14.89 6.85 20.64
N PRO A 780 15.82 6.64 19.70
CA PRO A 780 17.13 7.29 19.79
C PRO A 780 17.17 8.61 19.01
N ILE A 781 18.17 9.41 19.35
CA ILE A 781 18.49 10.62 18.61
C ILE A 781 19.79 10.36 17.84
N THR A 782 20.10 11.25 16.91
CA THR A 782 21.32 11.12 16.14
C THR A 782 21.66 12.47 15.51
N VAL A 783 22.86 12.96 15.81
CA VAL A 783 23.35 14.23 15.26
C VAL A 783 24.62 13.94 14.49
N ILE A 784 24.66 14.38 13.23
CA ILE A 784 25.76 14.12 12.32
C ILE A 784 26.22 15.44 11.72
N TRP A 785 27.53 15.63 11.62
CA TRP A 785 28.08 16.86 11.08
C TRP A 785 28.87 16.70 9.79
N GLY A 786 29.30 15.49 9.45
CA GLY A 786 30.16 15.32 8.28
C GLY A 786 29.48 15.55 6.94
N VAL A 787 28.57 14.66 6.57
CA VAL A 787 27.97 14.69 5.25
C VAL A 787 26.90 15.75 5.17
N SER A 788 26.44 16.05 3.97
CA SER A 788 25.39 17.01 3.74
C SER A 788 24.10 16.31 3.34
N PRO A 789 22.94 16.77 3.83
CA PRO A 789 21.66 16.12 3.50
C PRO A 789 21.23 16.41 2.06
N GLU A 790 21.87 15.73 1.12
CA GLU A 790 21.66 15.96 -0.30
C GLU A 790 21.26 14.66 -0.96
N ASP A 791 20.03 14.60 -1.46
CA ASP A 791 19.51 13.41 -2.14
C ASP A 791 19.59 13.62 -3.64
N ASN A 792 20.32 12.74 -4.33
CA ASN A 792 20.49 12.79 -5.78
C ASN A 792 20.46 11.37 -6.34
N GLY A 793 19.26 10.90 -6.65
CA GLY A 793 19.09 9.56 -7.15
C GLY A 793 18.09 9.47 -8.29
N ASN A 794 18.05 10.52 -9.12
CA ASN A 794 17.07 10.64 -10.20
C ASN A 794 15.67 10.62 -9.60
N PRO A 795 15.32 11.59 -8.75
CA PRO A 795 14.06 11.50 -8.01
C PRO A 795 12.83 11.57 -8.87
N LEU A 796 12.95 12.03 -10.12
CA LEU A 796 11.81 12.16 -11.02
C LEU A 796 11.40 10.77 -11.49
N ASN A 797 10.49 10.15 -10.74
CA ASN A 797 10.07 8.78 -10.98
C ASN A 797 11.29 7.85 -11.05
N PRO A 798 12.04 7.71 -9.96
CA PRO A 798 13.29 6.96 -10.01
C PRO A 798 13.07 5.49 -10.31
N LYS A 799 14.17 4.79 -10.50
CA LYS A 799 14.15 3.33 -10.54
C LYS A 799 13.97 2.82 -9.12
N SER A 800 13.80 3.74 -8.18
CA SER A 800 13.79 3.45 -6.74
C SER A 800 15.12 2.86 -6.29
N LYS A 801 16.18 3.10 -7.07
CA LYS A 801 17.50 2.56 -6.78
C LYS A 801 18.54 3.58 -7.23
N GLY A 802 19.69 3.57 -6.56
CA GLY A 802 20.80 4.39 -6.97
C GLY A 802 20.84 5.76 -6.33
N LYS A 803 21.84 5.98 -5.47
CA LYS A 803 22.04 7.26 -4.80
C LYS A 803 23.54 7.52 -4.73
N LEU A 804 23.94 8.56 -3.99
CA LEU A 804 25.35 8.89 -3.87
C LEU A 804 25.58 9.73 -2.63
N THR A 805 26.71 9.51 -1.96
CA THR A 805 27.09 10.31 -0.81
C THR A 805 28.01 11.45 -1.24
N LEU A 806 28.43 12.26 -0.28
CA LEU A 806 29.29 13.41 -0.53
C LEU A 806 29.82 13.90 0.81
N ASP A 807 30.71 14.89 0.75
CA ASP A 807 31.28 15.47 1.95
C ASP A 807 31.09 16.99 1.97
N SER A 808 31.73 17.67 2.92
CA SER A 808 31.63 19.12 3.01
C SER A 808 33.01 19.68 3.32
N SER A 809 33.05 20.97 3.67
CA SER A 809 34.30 21.69 3.86
C SER A 809 34.47 22.25 5.26
N PHE A 810 33.78 21.70 6.26
CA PHE A 810 33.96 22.20 7.63
C PHE A 810 35.23 21.60 8.23
N ASN A 811 35.51 21.98 9.47
CA ASN A 811 36.66 21.48 10.21
C ASN A 811 36.31 21.33 11.68
N ILE A 812 36.84 20.30 12.32
CA ILE A 812 36.62 20.06 13.73
C ILE A 812 37.90 20.22 14.53
N ALA A 813 38.94 20.78 13.91
CA ALA A 813 40.26 20.86 14.52
C ALA A 813 40.40 22.03 15.48
N SER A 814 39.68 23.12 15.26
CA SER A 814 39.85 24.30 16.11
C SER A 814 39.38 23.98 17.54
N PRO A 815 40.08 24.49 18.55
CA PRO A 815 39.64 24.24 19.94
C PRO A 815 38.27 24.82 20.25
N ALA A 816 37.90 25.92 19.58
CA ALA A 816 36.57 26.47 19.76
C ALA A 816 35.50 25.45 19.41
N SER A 817 35.73 24.67 18.36
CA SER A 817 34.77 23.64 17.98
C SER A 817 34.65 22.57 19.05
N GLN A 818 35.78 22.14 19.63
CA GLN A 818 35.74 21.15 20.69
C GLN A 818 34.98 21.68 21.91
N ALA A 819 35.28 22.91 22.31
CA ALA A 819 34.56 23.50 23.44
C ALA A 819 33.07 23.62 23.14
N TRP A 820 32.72 23.95 21.90
CA TRP A 820 31.31 24.09 21.58
C TRP A 820 30.60 22.74 21.56
N ILE A 821 31.28 21.68 21.09
CA ILE A 821 30.68 20.35 21.16
C ILE A 821 30.47 19.94 22.60
N LEU A 822 31.45 20.20 23.46
CA LEU A 822 31.29 19.89 24.88
C LEU A 822 30.09 20.62 25.46
N HIS A 823 29.99 21.92 25.17
CA HIS A 823 28.87 22.71 25.68
C HIS A 823 27.54 22.21 25.11
N PHE A 824 27.54 21.76 23.85
CA PHE A 824 26.32 21.26 23.25
C PHE A 824 25.84 20.00 23.95
N CYS A 825 26.75 19.07 24.23
CA CYS A 825 26.37 17.88 24.99
C CYS A 825 25.85 18.25 26.37
N GLN A 826 26.59 19.12 27.08
CA GLN A 826 26.17 19.53 28.42
C GLN A 826 24.78 20.13 28.40
N LYS A 827 24.48 20.95 27.40
CA LYS A 827 23.17 21.59 27.33
C LYS A 827 22.09 20.60 26.93
N LEU A 828 22.40 19.68 26.03
CA LEU A 828 21.39 18.74 25.56
C LEU A 828 21.01 17.74 26.65
N ARG A 829 21.94 17.44 27.56
CA ARG A 829 21.54 16.63 28.71
C ARG A 829 20.62 17.37 29.67
N ASN A 830 20.51 18.69 29.53
CA ASN A 830 19.63 19.51 30.37
C ASN A 830 18.31 19.77 29.64
N GLN A 831 17.54 18.70 29.43
CA GLN A 831 16.25 18.82 28.76
C GLN A 831 15.27 17.83 29.38
N THR A 832 14.03 17.86 28.87
CA THR A 832 12.98 16.99 29.36
C THR A 832 12.69 15.81 28.44
N PHE A 833 13.20 15.82 27.21
CA PHE A 833 13.04 14.69 26.31
C PHE A 833 14.19 13.70 26.40
N PHE A 834 15.31 14.09 27.00
CA PHE A 834 16.43 13.18 27.17
C PHE A 834 16.15 12.20 28.30
N TYR A 835 16.42 10.93 28.06
CA TYR A 835 16.22 9.87 29.05
C TYR A 835 17.57 9.50 29.64
N GLN A 836 17.55 9.03 30.88
CA GLN A 836 18.76 8.86 31.69
C GLN A 836 18.92 7.40 32.09
N THR A 837 20.16 6.90 31.99
CA THR A 837 20.46 5.51 32.28
C THR A 837 21.71 5.30 33.14
N ASP A 838 22.62 6.27 33.23
CA ASP A 838 23.72 6.31 34.19
C ASP A 838 24.85 5.33 33.86
N GLU A 839 24.64 4.46 32.87
CA GLU A 839 25.62 3.43 32.55
C GLU A 839 26.12 3.54 31.12
N GLN A 840 26.13 4.76 30.56
CA GLN A 840 26.62 4.95 29.21
C GLN A 840 28.14 5.01 29.20
N ASP A 841 28.74 4.18 28.35
CA ASP A 841 30.20 4.12 28.22
C ASP A 841 30.69 4.89 27.00
N PHE A 842 30.20 4.54 25.80
CA PHE A 842 30.66 5.18 24.58
C PHE A 842 29.55 5.62 23.65
N THR A 843 28.34 5.07 23.75
CA THR A 843 27.27 5.46 22.84
C THR A 843 26.94 6.94 22.94
N SER A 844 27.32 7.60 24.03
CA SER A 844 27.15 9.03 24.17
C SER A 844 28.25 9.76 23.41
N CYS A 845 28.40 11.06 23.65
CA CYS A 845 29.42 11.85 22.99
C CYS A 845 30.79 11.21 23.14
N PHE A 846 31.64 11.42 22.13
CA PHE A 846 32.99 10.87 22.15
C PHE A 846 34.01 11.84 22.75
N ILE A 847 33.75 13.14 22.70
CA ILE A 847 34.67 14.10 23.30
C ILE A 847 34.74 13.90 24.81
N GLU A 848 33.61 13.56 25.43
CA GLU A 848 33.60 13.32 26.87
C GLU A 848 34.46 12.10 27.22
N THR A 849 34.29 11.01 26.48
CA THR A 849 35.09 9.82 26.73
C THR A 849 36.56 10.07 26.46
N PHE A 850 36.87 10.88 25.45
CA PHE A 850 38.25 11.22 25.15
C PHE A 850 38.87 12.02 26.29
N LYS A 851 38.15 13.03 26.78
CA LYS A 851 38.64 13.81 27.90
C LYS A 851 38.78 12.97 29.16
N GLN A 852 37.91 11.97 29.32
CA GLN A 852 38.05 11.06 30.45
C GLN A 852 39.29 10.18 30.29
N TRP A 853 39.63 9.81 29.06
CA TRP A 853 40.87 9.09 28.80
C TRP A 853 42.11 9.92 29.11
N MET A 854 41.95 11.21 29.34
CA MET A 854 43.05 12.05 29.77
C MET A 854 43.28 11.83 31.26
N GLU A 855 44.06 12.72 31.88
CA GLU A 855 44.52 12.54 33.27
C GLU A 855 45.36 11.28 33.39
N ASN A 856 46.14 10.99 32.35
CA ASN A 856 47.09 9.89 32.32
C ASN A 856 48.37 10.39 31.68
N GLN A 857 49.44 9.61 31.82
CA GLN A 857 50.75 10.02 31.33
C GLN A 857 51.52 8.76 30.94
N ASP A 858 52.84 8.90 30.80
CA ASP A 858 53.75 7.82 30.45
C ASP A 858 53.38 7.21 29.08
N CYS A 859 53.45 8.06 28.06
CA CYS A 859 53.19 7.65 26.70
C CYS A 859 54.07 8.40 25.71
N CYS A 867 52.83 12.53 21.82
CA CYS A 867 52.59 12.38 23.24
C CYS A 867 52.23 13.71 23.88
N CYS A 868 51.30 13.67 24.84
CA CYS A 868 50.88 14.88 25.55
C CYS A 868 50.09 14.46 26.78
N SER A 869 50.32 15.17 27.88
CA SER A 869 49.63 14.88 29.14
C SER A 869 49.66 16.12 30.01
N HIS A 870 48.65 16.26 30.86
CA HIS A 870 48.53 17.36 31.82
C HIS A 870 48.54 18.71 31.10
N TRP A 871 47.51 18.91 30.28
CA TRP A 871 47.29 20.16 29.57
C TRP A 871 45.92 20.70 29.93
N SER A 872 45.58 21.85 29.36
CA SER A 872 44.23 22.36 29.47
C SER A 872 43.29 21.54 28.59
N PHE A 873 41.98 21.83 28.67
CA PHE A 873 41.04 21.02 27.90
C PHE A 873 41.13 21.29 26.40
N PRO A 874 40.94 22.52 25.91
CA PRO A 874 41.06 22.73 24.46
C PRO A 874 42.51 22.75 24.04
N TYR A 875 42.89 21.84 23.14
CA TYR A 875 44.27 21.68 22.72
C TYR A 875 44.54 22.44 21.42
N LYS A 876 45.82 22.57 21.10
CA LYS A 876 46.26 23.24 19.88
C LYS A 876 46.08 22.37 18.64
N GLN A 877 45.47 21.20 18.79
CA GLN A 877 45.05 20.32 17.71
C GLN A 877 46.24 19.62 17.05
N GLU A 878 47.45 20.09 17.33
CA GLU A 878 48.63 19.39 16.81
C GLU A 878 48.83 18.08 17.53
N ILE A 879 48.67 18.09 18.86
CA ILE A 879 48.66 16.85 19.63
C ILE A 879 47.34 16.13 19.44
N PHE A 880 46.25 16.86 19.23
CA PHE A 880 44.92 16.25 19.18
C PHE A 880 44.77 15.36 17.95
N GLU A 881 45.34 15.76 16.81
CA GLU A 881 45.25 14.94 15.61
C GLU A 881 45.77 13.53 15.84
N LEU A 882 46.74 13.37 16.73
CA LEU A 882 47.32 12.06 17.02
C LEU A 882 46.64 11.39 18.21
N CYS A 883 46.30 12.17 19.24
CA CYS A 883 45.65 11.57 20.40
C CYS A 883 44.27 11.03 20.06
N ILE A 884 43.57 11.66 19.11
CA ILE A 884 42.25 11.17 18.75
C ILE A 884 42.33 9.81 18.07
N LYS A 885 43.46 9.50 17.43
CA LYS A 885 43.66 8.16 16.88
C LYS A 885 44.10 7.19 17.97
N ARG A 886 45.07 7.60 18.79
CA ARG A 886 45.61 6.70 19.81
C ARG A 886 44.53 6.28 20.79
N ALA A 887 43.74 7.23 21.27
CA ALA A 887 42.71 6.92 22.27
C ALA A 887 41.64 6.01 21.68
N ILE A 888 41.19 6.30 20.45
CA ILE A 888 40.14 5.47 19.87
C ILE A 888 40.66 4.06 19.62
N MET A 889 41.92 3.92 19.21
CA MET A 889 42.48 2.59 19.01
C MET A 889 42.58 1.83 20.34
N GLU A 890 43.07 2.51 21.39
CA GLU A 890 43.22 1.86 22.68
C GLU A 890 41.86 1.43 23.23
N LEU A 891 40.84 2.28 23.09
CA LEU A 891 39.53 1.93 23.63
C LEU A 891 38.86 0.83 22.82
N GLU A 892 38.98 0.86 21.49
CA GLU A 892 38.42 -0.20 20.67
C GLU A 892 39.13 -1.53 20.94
N ARG A 893 40.42 -1.48 21.27
CA ARG A 893 41.12 -2.70 21.63
C ARG A 893 40.69 -3.21 23.00
N SER A 894 40.51 -2.29 23.96
CA SER A 894 40.21 -2.72 25.33
C SER A 894 38.79 -3.25 25.46
N THR A 895 37.82 -2.59 24.82
CA THR A 895 36.43 -3.00 24.95
C THR A 895 35.73 -2.88 23.61
N GLY A 896 34.61 -3.57 23.49
CA GLY A 896 33.80 -3.52 22.28
C GLY A 896 33.96 -4.74 21.40
N TYR A 897 33.00 -5.66 21.46
CA TYR A 897 33.03 -6.82 20.58
C TYR A 897 32.65 -6.44 19.15
N HIS A 898 31.69 -5.52 19.02
CA HIS A 898 31.28 -5.00 17.71
C HIS A 898 30.99 -3.52 17.86
N LEU A 899 31.63 -2.71 17.02
CA LEU A 899 31.50 -1.26 17.08
C LEU A 899 31.44 -0.67 15.67
N ASP A 900 30.89 -1.43 14.72
CA ASP A 900 30.99 -1.09 13.32
C ASP A 900 29.62 -0.74 12.74
N SER A 901 29.59 0.30 11.90
CA SER A 901 28.54 0.71 10.99
C SER A 901 27.35 1.35 11.70
N LYS A 902 27.27 1.34 13.03
CA LYS A 902 26.18 2.00 13.74
C LYS A 902 26.62 2.78 14.97
N THR A 903 27.83 2.56 15.46
CA THR A 903 28.25 3.15 16.71
C THR A 903 28.66 4.60 16.51
N PRO A 904 28.53 5.43 17.55
CA PRO A 904 28.77 6.87 17.40
C PRO A 904 30.23 7.27 17.31
N GLY A 905 31.14 6.33 17.10
CA GLY A 905 32.53 6.68 16.93
C GLY A 905 32.74 7.62 15.76
N PRO A 906 33.68 8.55 15.89
CA PRO A 906 33.96 9.48 14.78
C PRO A 906 34.48 8.73 13.58
N ARG A 907 34.12 9.22 12.40
CA ARG A 907 34.43 8.56 11.13
C ARG A 907 35.63 9.24 10.49
N PHE A 908 36.65 8.45 10.16
CA PHE A 908 37.82 9.01 9.50
C PHE A 908 37.65 8.93 7.98
N ASP A 909 38.51 9.66 7.27
CA ASP A 909 38.60 9.49 5.84
C ASP A 909 39.39 8.23 5.52
N ILE A 910 39.77 8.09 4.25
CA ILE A 910 40.59 6.94 3.88
C ILE A 910 42.01 7.10 4.40
N ASN A 911 42.64 8.25 4.17
CA ASN A 911 44.05 8.38 4.51
C ASN A 911 44.30 9.04 5.86
N ASP A 912 43.91 10.32 6.06
CA ASP A 912 44.10 10.97 7.38
C ASP A 912 43.22 12.22 7.50
N THR A 913 42.10 12.08 8.22
CA THR A 913 41.38 13.19 8.84
C THR A 913 40.17 12.61 9.56
N ILE A 914 39.52 13.44 10.36
CA ILE A 914 38.27 13.10 11.02
C ILE A 914 37.16 13.78 10.23
N ARG A 915 36.63 13.08 9.23
CA ARG A 915 35.64 13.69 8.36
C ARG A 915 34.32 13.93 9.06
N ALA A 916 33.66 12.87 9.54
CA ALA A 916 32.34 12.97 10.13
C ALA A 916 32.38 12.55 11.59
N VAL A 917 31.51 13.16 12.39
CA VAL A 917 31.29 12.76 13.78
C VAL A 917 29.81 12.47 13.94
N VAL A 918 29.47 11.55 14.84
CA VAL A 918 28.11 11.09 15.03
C VAL A 918 27.86 10.95 16.53
N LEU A 919 26.85 11.65 17.04
CA LEU A 919 26.45 11.54 18.44
C LEU A 919 25.06 10.97 18.51
N GLU A 920 24.76 10.21 19.57
CA GLU A 920 23.40 9.70 19.75
C GLU A 920 23.06 9.68 21.23
N PHE A 921 21.78 9.84 21.53
CA PHE A 921 21.28 9.80 22.89
C PHE A 921 19.99 8.99 22.93
N GLN A 922 19.60 8.58 24.13
CA GLN A 922 18.37 7.82 24.34
C GLN A 922 17.27 8.76 24.80
N SER A 923 16.16 8.79 24.06
CA SER A 923 15.03 9.62 24.42
C SER A 923 14.01 8.82 25.22
N THR A 924 12.86 9.45 25.46
CA THR A 924 11.84 8.83 26.32
C THR A 924 10.45 8.88 25.67
N TYR A 925 10.34 8.43 24.43
CA TYR A 925 9.06 8.45 23.74
C TYR A 925 8.60 7.09 23.25
N LEU A 926 9.32 6.02 23.53
CA LEU A 926 8.84 4.64 23.48
C LEU A 926 8.57 4.12 22.08
N PHE A 927 8.77 4.91 21.04
CA PHE A 927 8.55 4.46 19.65
C PHE A 927 7.15 3.87 19.47
N THR A 928 6.15 4.72 19.63
CA THR A 928 4.79 4.30 19.32
C THR A 928 4.60 4.23 17.82
N LEU A 929 3.56 3.52 17.40
CA LEU A 929 3.28 3.41 15.97
C LEU A 929 2.22 4.42 15.54
N ALA A 930 1.66 5.17 16.49
CA ALA A 930 0.65 6.15 16.17
C ALA A 930 1.27 7.35 15.46
N TYR A 931 0.41 8.31 15.10
CA TYR A 931 0.88 9.45 14.32
C TYR A 931 1.11 10.67 15.21
N GLU A 932 0.18 10.96 16.11
CA GLU A 932 0.23 12.20 16.89
C GLU A 932 1.47 12.26 17.77
N LYS A 933 1.77 11.17 18.49
CA LYS A 933 2.91 11.17 19.39
C LYS A 933 4.22 11.34 18.63
N MET A 934 4.37 10.62 17.52
CA MET A 934 5.59 10.75 16.72
C MET A 934 5.74 12.16 16.16
N HIS A 935 4.64 12.75 15.71
CA HIS A 935 4.69 14.13 15.24
C HIS A 935 5.14 15.07 16.33
N GLN A 936 4.57 14.92 17.53
CA GLN A 936 4.98 15.76 18.66
C GLN A 936 6.46 15.62 18.94
N PHE A 937 6.94 14.38 19.03
CA PHE A 937 8.36 14.14 19.32
C PHE A 937 9.25 14.78 18.28
N TYR A 938 8.97 14.53 16.99
CA TYR A 938 9.79 15.07 15.93
C TYR A 938 9.81 16.59 15.96
N LYS A 939 8.62 17.21 16.05
CA LYS A 939 8.56 18.66 16.06
C LYS A 939 9.33 19.24 17.22
N GLU A 940 9.14 18.69 18.43
CA GLU A 940 9.81 19.24 19.60
C GLU A 940 11.33 19.13 19.48
N VAL A 941 11.83 17.93 19.17
CA VAL A 941 13.27 17.74 19.13
C VAL A 941 13.90 18.56 18.01
N ASP A 942 13.23 18.63 16.85
CA ASP A 942 13.80 19.38 15.74
C ASP A 942 13.79 20.88 16.03
N SER A 943 12.71 21.39 16.62
CA SER A 943 12.65 22.80 16.95
C SER A 943 13.69 23.16 18.01
N TRP A 944 13.97 22.24 18.92
CA TRP A 944 15.02 22.52 19.90
C TRP A 944 16.39 22.51 19.26
N ILE A 945 16.72 21.47 18.50
CA ILE A 945 18.07 21.33 17.95
C ILE A 945 18.33 22.28 16.79
N SER A 946 17.30 22.88 16.20
CA SER A 946 17.50 23.75 15.05
C SER A 946 18.33 24.97 15.43
N SER A 947 18.12 25.50 16.63
CA SER A 947 18.94 26.61 17.11
C SER A 947 20.37 26.13 17.34
N GLU A 948 21.30 26.66 16.55
CA GLU A 948 22.68 26.22 16.62
C GLU A 948 23.58 27.29 17.23
N LEU A 949 23.60 28.48 16.61
CA LEU A 949 24.43 29.60 17.05
C LEU A 949 25.83 29.15 17.43
N SER A 950 26.50 28.53 16.46
CA SER A 950 27.77 27.85 16.69
C SER A 950 28.89 28.60 15.95
N SER A 951 30.09 28.03 16.04
CA SER A 951 31.25 28.59 15.37
C SER A 951 31.08 28.51 13.85
N ALA A 952 31.99 29.15 13.13
CA ALA A 952 31.93 29.13 11.67
C ALA A 952 32.07 27.73 11.08
N PRO A 953 32.98 26.88 11.53
CA PRO A 953 32.96 25.48 11.07
C PRO A 953 31.90 24.68 11.80
N GLU A 954 31.57 23.53 11.20
CA GLU A 954 30.60 22.57 11.71
C GLU A 954 29.34 23.22 12.28
N GLY A 955 28.90 24.31 11.67
CA GLY A 955 27.64 24.93 12.04
C GLY A 955 26.65 24.86 10.91
N LEU A 956 27.13 24.98 9.68
CA LEU A 956 26.30 24.81 8.51
C LEU A 956 26.23 23.34 8.12
N SER A 957 25.09 22.96 7.53
CA SER A 957 24.80 21.57 7.20
C SER A 957 25.07 20.67 8.40
N ASN A 958 24.62 21.11 9.57
CA ASN A 958 25.00 20.50 10.84
C ASN A 958 23.85 19.81 11.55
N GLY A 959 22.67 20.45 11.59
CA GLY A 959 21.60 20.05 12.48
C GLY A 959 21.29 18.56 12.45
N TRP A 960 20.75 18.07 11.34
CA TRP A 960 20.78 16.64 11.03
C TRP A 960 20.15 15.76 12.11
N PHE A 961 19.08 16.21 12.75
CA PHE A 961 18.40 15.30 13.65
C PHE A 961 17.73 14.20 12.83
N VAL A 962 18.15 12.95 13.02
CA VAL A 962 17.60 11.83 12.26
C VAL A 962 17.43 10.63 13.19
N SER A 963 16.20 10.33 13.57
CA SER A 963 15.88 9.11 14.30
C SER A 963 15.45 8.04 13.29
N ASN A 964 14.84 6.96 13.78
CA ASN A 964 14.36 5.88 12.93
C ASN A 964 12.93 6.09 12.45
N LEU A 965 12.51 7.35 12.30
CA LEU A 965 11.13 7.69 11.95
C LEU A 965 11.00 7.76 10.43
N GLU A 966 10.50 6.67 9.85
CA GLU A 966 10.15 6.65 8.43
C GLU A 966 8.70 6.29 8.17
N PHE A 967 8.06 5.51 9.04
CA PHE A 967 6.63 5.27 8.91
C PHE A 967 5.85 6.56 9.10
N TYR A 968 6.30 7.42 10.02
CA TYR A 968 5.69 8.73 10.15
C TYR A 968 5.86 9.56 8.89
N ASP A 969 7.01 9.42 8.22
CA ASP A 969 7.21 10.09 6.95
C ASP A 969 6.21 9.60 5.91
N LEU A 970 6.01 8.28 5.83
CA LEU A 970 5.03 7.74 4.90
C LEU A 970 3.64 8.29 5.18
N GLN A 971 3.23 8.28 6.46
CA GLN A 971 1.90 8.77 6.80
C GLN A 971 1.73 10.24 6.41
N ASP A 972 2.71 11.08 6.76
CA ASP A 972 2.62 12.50 6.45
C ASP A 972 2.56 12.73 4.95
N SER A 973 3.38 12.00 4.17
CA SER A 973 3.37 12.19 2.72
C SER A 973 2.04 11.78 2.12
N LEU A 974 1.46 10.68 2.60
CA LEU A 974 0.14 10.27 2.15
C LEU A 974 -0.88 11.38 2.39
N SER A 975 -0.93 11.90 3.61
CA SER A 975 -1.89 12.95 3.94
C SER A 975 -1.75 14.15 3.01
N ASP A 976 -0.53 14.69 2.92
CA ASP A 976 -0.31 15.91 2.14
C ASP A 976 -0.65 15.69 0.67
N GLY A 977 -0.17 14.59 0.10
CA GLY A 977 -0.45 14.31 -1.29
C GLY A 977 -1.94 14.21 -1.57
N THR A 978 -2.66 13.49 -0.71
CA THR A 978 -4.10 13.34 -0.93
C THR A 978 -4.80 14.69 -0.89
N LEU A 979 -4.50 15.51 0.11
CA LEU A 979 -5.16 16.81 0.21
C LEU A 979 -4.89 17.67 -1.03
N ILE A 980 -3.63 17.78 -1.42
CA ILE A 980 -3.32 18.68 -2.53
C ILE A 980 -3.92 18.17 -3.83
N ALA A 981 -3.86 16.85 -4.07
CA ALA A 981 -4.42 16.30 -5.29
C ALA A 981 -5.93 16.50 -5.35
N MET A 982 -6.62 16.27 -4.23
CA MET A 982 -8.07 16.49 -4.19
C MET A 982 -8.40 17.95 -4.48
N GLY A 983 -7.64 18.88 -3.88
CA GLY A 983 -7.88 20.29 -4.14
C GLY A 983 -7.73 20.65 -5.61
N LEU A 984 -6.62 20.24 -6.22
CA LEU A 984 -6.39 20.58 -7.63
C LEU A 984 -7.47 19.96 -8.52
N SER A 985 -7.85 18.71 -8.25
CA SER A 985 -8.85 18.05 -9.07
C SER A 985 -10.20 18.76 -8.97
N VAL A 986 -10.59 19.16 -7.76
CA VAL A 986 -11.87 19.86 -7.60
C VAL A 986 -11.82 21.21 -8.30
N ALA A 987 -10.69 21.91 -8.23
CA ALA A 987 -10.58 23.21 -8.88
C ALA A 987 -10.73 23.06 -10.39
N VAL A 988 -10.02 22.09 -10.98
CA VAL A 988 -10.12 21.89 -12.43
C VAL A 988 -11.53 21.51 -12.82
N ALA A 989 -12.17 20.64 -12.04
CA ALA A 989 -13.53 20.21 -12.36
C ALA A 989 -14.50 21.40 -12.34
N PHE A 990 -14.42 22.23 -11.30
CA PHE A 990 -15.31 23.38 -11.22
C PHE A 990 -15.07 24.36 -12.36
N SER A 991 -13.79 24.60 -12.69
CA SER A 991 -13.50 25.54 -13.77
C SER A 991 -14.05 25.04 -15.10
N VAL A 992 -13.86 23.75 -15.40
CA VAL A 992 -14.35 23.23 -16.68
C VAL A 992 -15.87 23.22 -16.71
N MET A 993 -16.51 22.84 -15.59
CA MET A 993 -17.97 22.86 -15.55
C MET A 993 -18.52 24.26 -15.73
N LEU A 994 -17.81 25.27 -15.23
CA LEU A 994 -18.27 26.64 -15.39
C LEU A 994 -18.04 27.16 -16.81
N LEU A 995 -16.95 26.74 -17.44
CA LEU A 995 -16.63 27.22 -18.79
C LEU A 995 -17.37 26.48 -19.88
N THR A 996 -17.96 25.31 -19.59
CA THR A 996 -18.63 24.56 -20.65
C THR A 996 -20.09 24.96 -20.86
N THR A 997 -20.76 25.53 -19.86
CA THR A 997 -22.17 25.88 -20.02
C THR A 997 -22.44 27.37 -20.11
N TRP A 998 -21.53 28.22 -19.63
CA TRP A 998 -21.75 29.66 -19.58
C TRP A 998 -23.04 30.00 -18.83
N ASN A 999 -23.14 29.47 -17.61
CA ASN A 999 -24.28 29.77 -16.76
C ASN A 999 -23.91 29.42 -15.33
N ILE A 1000 -23.89 30.42 -14.45
CA ILE A 1000 -23.49 30.18 -13.07
C ILE A 1000 -24.58 29.43 -12.30
N ILE A 1001 -25.85 29.66 -12.66
CA ILE A 1001 -26.96 29.02 -11.96
C ILE A 1001 -26.87 27.50 -12.07
N ILE A 1002 -26.46 26.99 -13.23
CA ILE A 1002 -26.35 25.54 -13.40
C ILE A 1002 -25.05 25.03 -12.80
N SER A 1003 -23.99 25.83 -12.88
CA SER A 1003 -22.71 25.42 -12.30
C SER A 1003 -22.83 25.23 -10.79
N LEU A 1004 -23.63 26.06 -10.13
CA LEU A 1004 -23.78 25.91 -8.69
C LEU A 1004 -24.45 24.60 -8.33
N TYR A 1005 -25.51 24.23 -9.04
CA TYR A 1005 -26.16 22.94 -8.78
C TYR A 1005 -25.21 21.79 -9.08
N ALA A 1006 -24.43 21.91 -10.16
CA ALA A 1006 -23.46 20.87 -10.48
C ALA A 1006 -22.44 20.71 -9.37
N ILE A 1007 -21.98 21.82 -8.80
CA ILE A 1007 -21.01 21.76 -7.70
C ILE A 1007 -21.64 21.12 -6.47
N ILE A 1008 -22.90 21.48 -6.16
CA ILE A 1008 -23.58 20.85 -5.04
C ILE A 1008 -23.67 19.34 -5.24
N SER A 1009 -23.99 18.92 -6.47
CA SER A 1009 -24.11 17.48 -6.74
C SER A 1009 -22.77 16.78 -6.61
N ILE A 1010 -21.69 17.40 -7.12
CA ILE A 1010 -20.37 16.80 -6.99
C ILE A 1010 -19.98 16.66 -5.53
N ALA A 1011 -20.24 17.70 -4.73
CA ALA A 1011 -19.93 17.64 -3.30
C ALA A 1011 -20.70 16.52 -2.62
N GLY A 1012 -22.00 16.42 -2.90
CA GLY A 1012 -22.79 15.35 -2.30
C GLY A 1012 -22.28 13.98 -2.69
N THR A 1013 -21.93 13.79 -3.96
CA THR A 1013 -21.45 12.49 -4.42
C THR A 1013 -20.15 12.12 -3.73
N ILE A 1014 -19.20 13.06 -3.68
CA ILE A 1014 -17.92 12.81 -3.01
C ILE A 1014 -18.16 12.43 -1.56
N PHE A 1015 -18.98 13.20 -0.86
CA PHE A 1015 -19.19 12.97 0.56
C PHE A 1015 -19.82 11.61 0.81
N VAL A 1016 -20.86 11.27 0.06
CA VAL A 1016 -21.55 10.00 0.29
C VAL A 1016 -20.66 8.82 -0.07
N THR A 1017 -19.90 8.93 -1.16
CA THR A 1017 -19.00 7.85 -1.56
C THR A 1017 -17.95 7.60 -0.49
N VAL A 1018 -17.27 8.66 -0.04
CA VAL A 1018 -16.22 8.47 0.94
C VAL A 1018 -16.80 8.03 2.28
N GLY A 1019 -18.01 8.48 2.63
CA GLY A 1019 -18.64 7.99 3.84
C GLY A 1019 -18.93 6.51 3.77
N SER A 1020 -19.43 6.03 2.63
CA SER A 1020 -19.65 4.59 2.49
C SER A 1020 -18.34 3.83 2.58
N LEU A 1021 -17.29 4.36 1.95
CA LEU A 1021 -15.99 3.69 1.98
C LEU A 1021 -15.47 3.57 3.41
N VAL A 1022 -15.60 4.64 4.20
CA VAL A 1022 -15.10 4.58 5.57
C VAL A 1022 -16.02 3.76 6.46
N LEU A 1023 -17.30 3.60 6.10
CA LEU A 1023 -18.16 2.69 6.86
C LEU A 1023 -17.77 1.24 6.62
N LEU A 1024 -17.55 0.85 5.36
CA LEU A 1024 -17.13 -0.52 5.08
C LEU A 1024 -15.85 -0.89 5.83
N GLY A 1025 -15.05 0.11 6.19
CA GLY A 1025 -13.81 -0.11 6.91
C GLY A 1025 -12.63 -0.05 5.97
N TRP A 1026 -12.01 1.10 5.87
CA TRP A 1026 -10.93 1.36 4.94
C TRP A 1026 -9.92 2.28 5.62
N GLU A 1027 -8.83 2.57 4.93
CA GLU A 1027 -7.82 3.46 5.46
C GLU A 1027 -6.91 3.91 4.34
N LEU A 1028 -6.30 5.08 4.52
CA LEU A 1028 -5.41 5.61 3.50
C LEU A 1028 -4.24 4.67 3.26
N ASN A 1029 -4.04 4.31 2.00
CA ASN A 1029 -2.87 3.55 1.59
C ASN A 1029 -2.43 4.12 0.25
N VAL A 1030 -1.61 3.38 -0.49
CA VAL A 1030 -1.05 3.92 -1.72
C VAL A 1030 -2.00 3.61 -2.87
N LEU A 1031 -3.21 3.16 -2.54
CA LEU A 1031 -4.27 3.00 -3.53
C LEU A 1031 -5.47 3.88 -3.24
N GLU A 1032 -5.99 3.84 -2.02
CA GLU A 1032 -7.13 4.69 -1.66
C GLU A 1032 -6.79 6.16 -1.80
N SER A 1033 -5.52 6.53 -1.61
CA SER A 1033 -5.12 7.91 -1.79
C SER A 1033 -5.31 8.36 -3.23
N VAL A 1034 -5.24 7.44 -4.18
CA VAL A 1034 -5.50 7.75 -5.58
C VAL A 1034 -6.98 7.67 -5.90
N THR A 1035 -7.67 6.71 -5.26
CA THR A 1035 -9.09 6.55 -5.48
C THR A 1035 -9.88 7.79 -5.06
N ILE A 1036 -9.51 8.37 -3.91
CA ILE A 1036 -10.19 9.58 -3.44
C ILE A 1036 -10.08 10.70 -4.46
N SER A 1037 -8.95 10.79 -5.17
CA SER A 1037 -8.77 11.83 -6.16
C SER A 1037 -9.49 11.51 -7.47
N VAL A 1038 -9.54 10.23 -7.86
CA VAL A 1038 -10.20 9.86 -9.10
C VAL A 1038 -11.72 10.00 -8.98
N ALA A 1039 -12.25 9.90 -7.76
CA ALA A 1039 -13.70 10.04 -7.57
C ALA A 1039 -14.21 11.38 -8.08
N VAL A 1040 -13.46 12.46 -7.82
CA VAL A 1040 -13.89 13.78 -8.27
C VAL A 1040 -13.94 13.83 -9.79
N GLY A 1041 -12.92 13.28 -10.45
CA GLY A 1041 -12.93 13.26 -11.90
C GLY A 1041 -14.09 12.48 -12.46
N LEU A 1042 -14.41 11.33 -11.87
CA LEU A 1042 -15.53 10.55 -12.37
C LEU A 1042 -16.89 11.13 -11.99
N SER A 1043 -16.93 12.09 -11.07
CA SER A 1043 -18.22 12.60 -10.62
C SER A 1043 -18.90 13.48 -11.65
N VAL A 1044 -18.18 14.46 -12.24
CA VAL A 1044 -18.81 15.44 -13.13
C VAL A 1044 -19.29 14.84 -14.44
N ASN A 1045 -19.06 13.55 -14.65
CA ASN A 1045 -19.37 12.94 -15.94
C ASN A 1045 -20.88 12.97 -16.21
N PHE A 1046 -21.67 12.52 -15.25
CA PHE A 1046 -23.12 12.49 -15.41
C PHE A 1046 -23.78 13.83 -15.12
N ALA A 1047 -23.00 14.90 -15.09
CA ALA A 1047 -23.57 16.24 -14.93
C ALA A 1047 -23.24 17.16 -16.08
N VAL A 1048 -22.06 17.04 -16.70
CA VAL A 1048 -21.77 17.84 -17.88
C VAL A 1048 -22.76 17.52 -19.00
N HIS A 1049 -23.15 16.25 -19.13
CA HIS A 1049 -24.08 15.87 -20.19
C HIS A 1049 -25.46 16.46 -19.94
N TYR A 1050 -25.94 16.42 -18.70
CA TYR A 1050 -27.25 16.99 -18.41
C TYR A 1050 -27.23 18.51 -18.52
N GLY A 1051 -26.10 19.14 -18.22
CA GLY A 1051 -26.00 20.58 -18.43
C GLY A 1051 -25.99 20.95 -19.90
N VAL A 1052 -25.27 20.17 -20.72
CA VAL A 1052 -25.23 20.43 -22.16
C VAL A 1052 -26.61 20.21 -22.76
N ALA A 1053 -27.30 19.17 -22.33
CA ALA A 1053 -28.62 18.87 -22.88
C ALA A 1053 -29.69 19.82 -22.41
N TYR A 1054 -29.33 20.93 -21.75
CA TYR A 1054 -30.26 21.95 -21.33
C TYR A 1054 -30.36 23.09 -22.36
N ARG A 1055 -29.99 22.83 -23.61
CA ARG A 1055 -30.05 23.81 -24.69
C ARG A 1055 -31.01 23.26 -25.74
N LEU A 1056 -32.18 23.88 -25.84
CA LEU A 1056 -33.29 23.31 -26.59
C LEU A 1056 -34.27 24.41 -26.95
N ALA A 1057 -35.29 24.04 -27.74
CA ALA A 1057 -36.26 24.99 -28.28
C ALA A 1057 -37.35 25.38 -27.27
N PRO A 1058 -37.98 24.43 -26.55
CA PRO A 1058 -39.07 24.82 -25.64
C PRO A 1058 -38.66 25.90 -24.64
N ASP A 1059 -39.57 26.84 -24.41
CA ASP A 1059 -39.42 27.96 -23.50
C ASP A 1059 -39.59 27.66 -22.00
N PRO A 1060 -40.50 26.77 -21.57
CA PRO A 1060 -40.87 26.75 -20.14
C PRO A 1060 -39.68 26.47 -19.24
N ASP A 1061 -39.55 27.27 -18.18
CA ASP A 1061 -38.34 27.30 -17.38
C ASP A 1061 -38.04 25.98 -16.69
N ARG A 1062 -38.90 25.57 -15.75
CA ARG A 1062 -38.60 24.45 -14.87
C ARG A 1062 -39.30 23.17 -15.31
N GLU A 1063 -40.63 23.19 -15.36
CA GLU A 1063 -41.36 22.01 -15.80
C GLU A 1063 -41.13 21.73 -17.28
N GLY A 1064 -40.71 22.73 -18.04
CA GLY A 1064 -40.18 22.53 -19.37
C GLY A 1064 -38.66 22.48 -19.34
N LYS A 1065 -38.09 22.12 -20.48
CA LYS A 1065 -36.64 22.04 -20.67
C LYS A 1065 -36.00 20.99 -19.77
N VAL A 1066 -36.79 20.07 -19.23
CA VAL A 1066 -36.29 18.97 -18.43
C VAL A 1066 -36.62 17.62 -19.07
N ILE A 1067 -37.87 17.44 -19.51
CA ILE A 1067 -38.26 16.20 -20.16
C ILE A 1067 -37.44 15.99 -21.42
N PHE A 1068 -37.08 17.07 -22.11
CA PHE A 1068 -36.26 16.95 -23.31
C PHE A 1068 -34.89 16.37 -22.98
N SER A 1069 -34.18 16.99 -22.03
CA SER A 1069 -32.86 16.50 -21.65
C SER A 1069 -32.93 15.06 -21.16
N LEU A 1070 -33.91 14.76 -20.31
CA LEU A 1070 -34.08 13.39 -19.83
C LEU A 1070 -34.25 12.42 -21.00
N SER A 1071 -35.33 12.59 -21.77
CA SER A 1071 -35.61 11.67 -22.87
C SER A 1071 -34.48 11.62 -23.88
N ARG A 1072 -33.59 12.61 -23.91
CA ARG A 1072 -32.53 12.58 -24.90
C ARG A 1072 -31.26 11.85 -24.42
N VAL A 1073 -30.84 12.07 -23.18
CA VAL A 1073 -29.55 11.53 -22.73
C VAL A 1073 -29.70 10.47 -21.64
N GLY A 1074 -30.91 10.14 -21.22
CA GLY A 1074 -31.06 9.18 -20.14
C GLY A 1074 -30.58 7.79 -20.52
N SER A 1075 -30.89 7.34 -21.74
CA SER A 1075 -30.45 6.02 -22.17
C SER A 1075 -28.94 5.96 -22.28
N ALA A 1076 -28.32 6.99 -22.84
CA ALA A 1076 -26.87 7.02 -22.96
C ALA A 1076 -26.22 6.97 -21.59
N MET A 1077 -26.69 7.80 -20.65
CA MET A 1077 -26.10 7.81 -19.32
C MET A 1077 -26.30 6.49 -18.60
N ALA A 1078 -27.51 5.92 -18.70
CA ALA A 1078 -27.78 4.65 -18.03
C ALA A 1078 -26.90 3.54 -18.55
N MET A 1079 -26.76 3.43 -19.88
CA MET A 1079 -25.91 2.39 -20.44
C MET A 1079 -24.45 2.62 -20.09
N ALA A 1080 -24.00 3.87 -20.14
CA ALA A 1080 -22.61 4.18 -19.85
C ALA A 1080 -22.26 3.91 -18.41
N ALA A 1081 -23.24 4.04 -17.50
CA ALA A 1081 -22.99 3.68 -16.11
C ALA A 1081 -23.08 2.18 -15.90
N LEU A 1082 -24.00 1.51 -16.59
CA LEU A 1082 -24.19 0.08 -16.38
C LEU A 1082 -22.97 -0.71 -16.86
N THR A 1083 -22.38 -0.31 -17.98
CA THR A 1083 -21.25 -1.07 -18.50
C THR A 1083 -20.07 -1.06 -17.53
N THR A 1084 -19.77 0.09 -16.94
CA THR A 1084 -18.67 0.15 -15.98
C THR A 1084 -19.06 -0.45 -14.64
N PHE A 1085 -20.34 -0.38 -14.26
CA PHE A 1085 -20.79 -1.11 -13.09
C PHE A 1085 -20.50 -2.59 -13.22
N VAL A 1086 -20.82 -3.18 -14.37
CA VAL A 1086 -20.58 -4.61 -14.55
C VAL A 1086 -19.10 -4.91 -14.63
N ALA A 1087 -18.34 -4.09 -15.37
CA ALA A 1087 -16.91 -4.30 -15.48
C ALA A 1087 -16.19 -4.13 -14.15
N GLY A 1088 -16.81 -3.46 -13.19
CA GLY A 1088 -16.24 -3.37 -11.86
C GLY A 1088 -16.69 -4.49 -10.96
N ALA A 1089 -17.96 -4.90 -11.09
CA ALA A 1089 -18.47 -5.97 -10.26
C ALA A 1089 -17.90 -7.33 -10.61
N MET A 1090 -17.38 -7.49 -11.83
CA MET A 1090 -16.79 -8.78 -12.17
C MET A 1090 -15.47 -9.05 -11.45
N MET A 1091 -14.90 -8.06 -10.76
CA MET A 1091 -13.62 -8.23 -10.10
C MET A 1091 -13.72 -8.85 -8.71
N MET A 1092 -14.92 -8.91 -8.14
CA MET A 1092 -15.06 -9.33 -6.74
C MET A 1092 -14.46 -10.68 -6.40
N PRO A 1093 -14.66 -11.75 -7.16
CA PRO A 1093 -14.16 -13.06 -6.72
C PRO A 1093 -12.65 -13.23 -6.80
N SER A 1094 -11.89 -12.18 -7.11
CA SER A 1094 -10.46 -12.34 -7.29
C SER A 1094 -9.78 -12.60 -5.94
N THR A 1095 -8.46 -12.70 -5.97
CA THR A 1095 -7.66 -12.95 -4.78
C THR A 1095 -6.75 -11.79 -4.42
N VAL A 1096 -6.11 -11.16 -5.41
CA VAL A 1096 -5.33 -9.96 -5.13
C VAL A 1096 -6.26 -8.87 -4.64
N LEU A 1097 -5.77 -8.05 -3.71
CA LEU A 1097 -6.63 -7.09 -3.02
C LEU A 1097 -6.90 -5.83 -3.82
N ALA A 1098 -5.94 -5.38 -4.63
CA ALA A 1098 -6.15 -4.19 -5.44
C ALA A 1098 -7.36 -4.35 -6.34
N TYR A 1099 -7.53 -5.55 -6.92
CA TYR A 1099 -8.65 -5.79 -7.81
C TYR A 1099 -9.97 -5.67 -7.07
N THR A 1100 -10.07 -6.30 -5.90
CA THR A 1100 -11.31 -6.24 -5.13
C THR A 1100 -11.65 -4.81 -4.73
N GLN A 1101 -10.65 -4.07 -4.24
CA GLN A 1101 -10.91 -2.71 -3.81
C GLN A 1101 -11.34 -1.83 -4.99
N LEU A 1102 -10.69 -1.98 -6.14
CA LEU A 1102 -11.08 -1.21 -7.31
C LEU A 1102 -12.49 -1.57 -7.76
N GLY A 1103 -12.84 -2.86 -7.70
CA GLY A 1103 -14.18 -3.26 -8.12
C GLY A 1103 -15.26 -2.65 -7.24
N THR A 1104 -15.11 -2.78 -5.92
CA THR A 1104 -16.13 -2.23 -5.04
C THR A 1104 -16.18 -0.71 -5.15
N PHE A 1105 -15.04 -0.05 -5.33
CA PHE A 1105 -15.06 1.39 -5.48
C PHE A 1105 -15.80 1.81 -6.75
N MET A 1106 -15.55 1.12 -7.86
CA MET A 1106 -16.21 1.49 -9.10
C MET A 1106 -17.72 1.28 -9.00
N MET A 1107 -18.14 0.14 -8.46
CA MET A 1107 -19.56 -0.08 -8.24
C MET A 1107 -20.18 1.05 -7.44
N LEU A 1108 -19.61 1.33 -6.26
CA LEU A 1108 -20.16 2.37 -5.39
C LEU A 1108 -20.23 3.72 -6.10
N ILE A 1109 -19.13 4.14 -6.70
CA ILE A 1109 -19.08 5.49 -7.26
C ILE A 1109 -20.06 5.63 -8.41
N MET A 1110 -20.20 4.59 -9.24
CA MET A 1110 -21.09 4.71 -10.38
C MET A 1110 -22.55 4.75 -9.93
N CYS A 1111 -22.94 3.85 -9.03
CA CYS A 1111 -24.32 3.89 -8.53
C CYS A 1111 -24.64 5.24 -7.92
N ILE A 1112 -23.79 5.70 -6.99
CA ILE A 1112 -24.08 6.94 -6.27
C ILE A 1112 -24.08 8.13 -7.21
N SER A 1113 -23.12 8.19 -8.14
CA SER A 1113 -23.03 9.32 -9.04
C SER A 1113 -24.23 9.38 -9.97
N TRP A 1114 -24.64 8.25 -10.54
CA TRP A 1114 -25.81 8.26 -11.41
C TRP A 1114 -27.05 8.69 -10.65
N ALA A 1115 -27.26 8.12 -9.46
CA ALA A 1115 -28.44 8.45 -8.67
C ALA A 1115 -28.48 9.94 -8.34
N PHE A 1116 -27.42 10.47 -7.74
CA PHE A 1116 -27.39 11.90 -7.43
C PHE A 1116 -27.59 12.73 -8.67
N ALA A 1117 -26.72 12.56 -9.68
CA ALA A 1117 -26.82 13.34 -10.90
C ALA A 1117 -28.27 13.43 -11.37
N THR A 1118 -28.86 12.29 -11.74
CA THR A 1118 -30.22 12.33 -12.27
C THR A 1118 -31.20 12.97 -11.29
N PHE A 1119 -31.44 12.31 -10.15
CA PHE A 1119 -32.55 12.72 -9.31
C PHE A 1119 -32.33 14.12 -8.74
N PHE A 1120 -31.17 14.36 -8.12
CA PHE A 1120 -30.89 15.66 -7.54
C PHE A 1120 -30.88 16.75 -8.60
N PHE A 1121 -30.02 16.63 -9.61
CA PHE A 1121 -29.84 17.72 -10.56
C PHE A 1121 -31.15 18.07 -11.27
N GLN A 1122 -31.96 17.07 -11.62
CA GLN A 1122 -33.24 17.39 -12.25
C GLN A 1122 -34.21 17.99 -11.24
N CYS A 1123 -34.31 17.38 -10.06
CA CYS A 1123 -35.27 17.83 -9.06
C CYS A 1123 -34.93 19.23 -8.55
N MET A 1124 -33.65 19.57 -8.43
CA MET A 1124 -33.26 20.88 -7.96
C MET A 1124 -33.24 21.92 -9.08
N CYS A 1125 -33.95 21.66 -10.18
CA CYS A 1125 -34.10 22.64 -11.25
C CYS A 1125 -35.39 23.44 -11.10
N ARG A 1126 -35.83 23.67 -9.87
CA ARG A 1126 -36.98 24.49 -9.57
C ARG A 1126 -36.61 25.95 -9.31
N CYS A 1127 -35.37 26.34 -9.60
CA CYS A 1127 -34.88 27.67 -9.29
C CYS A 1127 -34.30 28.40 -10.48
N LEU A 1128 -34.32 27.81 -11.67
CA LEU A 1128 -33.76 28.43 -12.87
C LEU A 1128 -34.87 28.88 -13.79
N GLY A 1129 -34.66 30.02 -14.45
CA GLY A 1129 -35.61 30.54 -15.42
C GLY A 1129 -35.11 30.41 -16.83
N PRO A 1130 -35.65 31.21 -17.75
CA PRO A 1130 -35.24 31.12 -19.15
C PRO A 1130 -34.01 31.95 -19.48
N GLN A 1131 -33.78 33.03 -18.74
CA GLN A 1131 -32.64 33.90 -18.96
C GLN A 1131 -31.98 34.27 -17.64
N GLY A 1132 -31.74 33.27 -16.79
CA GLY A 1132 -31.09 33.49 -15.51
C GLY A 1132 -29.77 34.24 -15.62
N THR A 1133 -28.78 33.63 -16.28
CA THR A 1133 -27.50 34.29 -16.49
C THR A 1133 -26.79 33.62 -17.66
N CYS A 1134 -25.83 34.34 -18.23
CA CYS A 1134 -25.03 33.84 -19.34
C CYS A 1134 -23.69 34.57 -19.33
N GLY A 1135 -22.86 34.26 -20.33
CA GLY A 1135 -21.61 34.95 -20.49
C GLY A 1135 -21.79 36.34 -21.09
N GLN A 1136 -20.69 37.08 -21.13
CA GLN A 1136 -20.70 38.45 -21.62
C GLN A 1136 -20.30 38.54 -23.09
N ILE A 1137 -19.08 38.10 -23.42
CA ILE A 1137 -18.52 38.25 -24.76
C ILE A 1137 -18.24 36.87 -25.32
N PRO A 1138 -18.66 36.57 -26.56
CA PRO A 1138 -18.34 35.29 -27.21
C PRO A 1138 -16.88 35.22 -27.67
CAA Y01 B . -33.44 6.81 -4.74
CBA Y01 B . -32.60 5.59 -4.45
CAB Y01 B . -32.71 4.58 -5.60
CAN Y01 B . -31.15 5.95 -4.17
CAJ Y01 B . -30.22 4.81 -3.87
CAO Y01 B . -28.82 5.26 -3.54
CBB Y01 B . -28.40 5.16 -2.07
CAC Y01 B . -29.59 5.41 -1.15
CBE Y01 B . -27.69 3.82 -1.80
CAP Y01 B . -26.66 3.49 -2.91
CAQ Y01 B . -25.34 3.14 -2.18
CBG Y01 B . -25.85 2.60 -0.86
CBI Y01 B . -26.92 3.63 -0.46
CAE Y01 B . -26.28 4.97 -0.03
CAU Y01 B . -27.68 3.00 0.70
CAS Y01 B . -26.76 2.66 1.88
CBF Y01 B . -25.56 1.77 1.48
CBD Y01 B . -24.85 2.30 0.24
CAK Y01 B . -23.80 1.28 -0.24
CAI Y01 B . -23.00 0.75 0.91
CAZ Y01 B . -23.28 0.94 2.18
CAV Y01 B . -22.30 0.53 3.26
CBH Y01 B . -24.59 1.55 2.67
CAD Y01 B . -24.25 2.88 3.37
CAT Y01 B . -25.19 0.55 3.69
CAR Y01 B . -24.22 0.16 4.80
CBC Y01 B . -22.94 -0.43 4.24
OAW Y01 B . -21.99 -0.61 5.33
CAY Y01 B . -22.17 -1.62 6.17
OAG Y01 B . -22.93 -2.51 5.99
CAM Y01 B . -21.31 -1.48 7.40
CAL Y01 B . -21.30 -2.63 8.38
CAX Y01 B . -20.65 -3.90 7.86
OAH Y01 B . -21.11 -4.45 6.84
OAF Y01 B . -19.66 -4.34 8.49
CAA Y01 C . -29.14 -2.97 -8.32
CBA Y01 C . -28.28 -1.72 -8.49
CAB Y01 C . -28.47 -1.13 -9.88
CAN Y01 C . -28.57 -0.68 -7.40
CAJ Y01 C . -28.30 -1.14 -6.00
CAO Y01 C . -26.89 -1.61 -5.79
CBB Y01 C . -26.53 -2.07 -4.37
CAC Y01 C . -27.47 -3.20 -3.94
CBE Y01 C . -25.05 -2.46 -4.31
CAP Y01 C . -24.15 -1.35 -4.93
CAQ Y01 C . -22.81 -1.40 -4.17
CBG Y01 C . -22.88 -2.73 -3.43
CBI Y01 C . -24.34 -2.79 -2.96
CAE Y01 C . -24.66 -1.69 -1.92
CAU Y01 C . -24.57 -4.18 -2.38
CAS Y01 C . -23.57 -4.49 -1.25
CBF Y01 C . -22.12 -4.39 -1.71
CBD Y01 C . -21.83 -3.03 -2.36
CAK Y01 C . -20.44 -3.03 -2.99
CAI Y01 C . -19.43 -3.75 -2.17
CAZ Y01 C . -19.69 -4.46 -1.08
CAV Y01 C . -18.55 -5.07 -0.28
CBH Y01 C . -21.10 -4.74 -0.59
CAD Y01 C . -21.33 -3.90 0.68
CAT Y01 C . -21.22 -6.24 -0.25
CAR Y01 C . -20.07 -6.78 0.60
CBC Y01 C . -18.76 -6.55 -0.09
OAW Y01 C . -17.63 -7.04 0.71
CAY Y01 C . -16.58 -7.51 0.05
OAG Y01 C . -16.64 -8.13 -0.96
CAM Y01 C . -15.28 -7.08 0.70
CAL Y01 C . -14.99 -5.58 0.64
CAX Y01 C . -13.58 -5.18 1.01
OAH Y01 C . -13.29 -3.97 0.99
OAF Y01 C . -12.77 -6.08 1.32
CAA Y01 D . -13.50 13.17 0.66
CBA Y01 D . -12.99 14.49 1.16
CAB Y01 D . -12.58 15.38 0.00
CAN Y01 D . -11.85 14.32 2.15
CAJ Y01 D . -10.60 13.67 1.60
CAO Y01 D . -9.53 13.46 2.64
CBB Y01 D . -9.88 12.46 3.76
CAC Y01 D . -10.44 11.18 3.14
CBE Y01 D . -8.65 12.20 4.64
CAP Y01 D . -7.31 12.38 3.88
CAQ Y01 D . -6.29 12.92 4.90
CBG Y01 D . -6.96 12.63 6.23
CBI Y01 D . -8.43 12.96 5.98
CAE Y01 D . -8.65 14.48 5.80
CAU Y01 D . -9.20 12.44 7.19
CAS Y01 D . -8.69 13.06 8.50
CBF Y01 D . -7.19 12.85 8.71
CBD Y01 D . -6.37 13.27 7.49
CAK Y01 D . -4.91 12.87 7.67
CAI Y01 D . -4.39 13.23 9.02
CAZ Y01 D . -5.16 13.61 10.03
CAV Y01 D . -4.54 14.10 11.33
CBH Y01 D . -6.67 13.53 10.01
CAD Y01 D . -7.22 14.98 10.14
CAT Y01 D . -7.11 12.71 11.24
CAR Y01 D . -6.50 13.22 12.56
CBC Y01 D . -4.99 13.26 12.50
OAW Y01 D . -4.51 13.93 13.70
CAY Y01 D . -4.57 13.28 14.85
OAG Y01 D . -4.77 12.11 14.95
CAM Y01 D . -4.40 14.21 16.03
CAL Y01 D . -3.23 15.16 16.02
CAX Y01 D . -3.30 16.27 14.99
OAH Y01 D . -2.38 16.38 14.16
OAF Y01 D . -4.28 17.05 15.04
CAA Y01 E . -6.13 -6.85 -15.46
CBA Y01 E . -4.77 -7.07 -16.08
CAB Y01 E . -4.09 -5.73 -16.34
CAN Y01 E . -4.87 -7.91 -17.36
CAJ Y01 E . -3.79 -8.95 -17.56
CAO Y01 E . -2.40 -8.37 -17.69
CBB Y01 E . -1.40 -8.84 -16.63
CAC Y01 E . -2.12 -9.34 -15.39
CBE Y01 E . -0.42 -9.85 -17.23
CAP Y01 E . 0.16 -9.36 -18.59
CAQ Y01 E . 1.67 -9.63 -18.55
CBG Y01 E . 1.79 -10.75 -17.52
CBI Y01 E . 0.84 -10.28 -16.41
CAE Y01 E . 1.41 -9.06 -15.66
CAU Y01 E . 0.68 -11.46 -15.45
CAS Y01 E . 2.03 -11.91 -14.89
CBF Y01 E . 3.06 -12.26 -15.97
CBD Y01 E . 3.17 -11.16 -17.04
CAK Y01 E . 4.03 -11.65 -18.21
CAI Y01 E . 5.26 -12.34 -17.73
CAZ Y01 E . 5.51 -12.66 -16.47
CAV Y01 E . 6.87 -13.16 -16.04
CBH Y01 E . 4.46 -12.58 -15.36
CAD Y01 E . 4.90 -11.50 -14.37
CAT Y01 E . 4.43 -13.96 -14.67
CAR Y01 E . 5.81 -14.42 -14.19
CBC Y01 E . 6.79 -14.49 -15.34
OAW Y01 E . 8.12 -14.78 -14.83
CAY Y01 E . 8.37 -15.97 -14.30
OAG Y01 E . 7.61 -16.89 -14.30
CAM Y01 E . 9.76 -16.03 -13.71
CAL Y01 E . 10.57 -14.75 -13.86
CAX Y01 E . 11.99 -14.83 -13.32
OAH Y01 E . 12.14 -15.07 -12.11
OAF Y01 E . 12.93 -14.62 -14.10
CAA Y01 F . -5.95 -4.76 -38.18
CBA Y01 F . -7.41 -4.99 -37.83
CAB Y01 F . -7.61 -5.00 -36.33
CAN Y01 F . -8.31 -3.96 -38.50
CAJ Y01 F . -8.38 -4.01 -40.01
CAO Y01 F . -9.30 -2.96 -40.60
CBB Y01 F . -9.48 -2.99 -42.12
CAC Y01 F . -8.15 -3.27 -42.81
CBE Y01 F . -10.60 -3.95 -42.54
CAP Y01 F . -11.54 -4.34 -41.38
CAQ Y01 F . -12.86 -4.82 -42.01
CBG Y01 F . -12.64 -4.66 -43.52
CBI Y01 F . -11.63 -3.50 -43.63
CAE Y01 F . -12.25 -2.15 -43.23
CAU Y01 F . -11.14 -3.48 -45.08
CAS Y01 F . -12.31 -3.31 -46.05
CBF Y01 F . -13.38 -4.39 -45.89
CBD Y01 F . -13.85 -4.53 -44.43
CAK Y01 F . -14.76 -5.75 -44.29
CAI Y01 F . -15.74 -5.86 -45.41
CAZ Y01 F . -15.71 -5.16 -46.52
CAV Y01 F . -16.81 -5.29 -47.56
CBH Y01 F . -14.57 -4.21 -46.89
CAD Y01 F . -15.12 -2.77 -46.85
CAT Y01 F . -14.08 -4.55 -48.31
CAR Y01 F . -15.21 -4.68 -49.34
CBC Y01 F . -16.23 -5.69 -48.90
OAW Y01 F . -17.32 -5.74 -49.88
CAY Y01 F . -18.18 -6.75 -49.84
OAG Y01 F . -18.32 -7.50 -48.90
CAM Y01 F . -18.94 -6.89 -51.13
CAL Y01 F . -20.45 -6.71 -51.09
CAX Y01 F . -20.93 -5.29 -50.82
OAH Y01 F . -22.16 -5.08 -50.76
OAF Y01 F . -20.07 -4.40 -50.69
CAA Y01 G . -3.47 19.22 -19.60
CBA Y01 G . -2.31 18.33 -20.01
CAB Y01 G . -2.29 18.15 -21.52
CAN Y01 G . -0.97 18.88 -19.50
CAJ Y01 G . 0.22 17.99 -19.74
CAO Y01 G . 0.13 16.68 -19.01
CBB Y01 G . 1.27 15.68 -19.27
CAC Y01 G . 1.44 15.46 -20.77
CBE Y01 G . 2.56 16.15 -18.57
CAP Y01 G . 2.30 16.67 -17.13
CAQ Y01 G . 3.64 16.52 -16.36
CBG Y01 G . 4.62 16.05 -17.44
CBI Y01 G . 3.74 15.16 -18.35
CAE Y01 G . 3.26 13.89 -17.64
CAU Y01 G . 4.58 14.81 -19.58
CAS Y01 G . 5.90 14.12 -19.19
CBF Y01 G . 6.74 15.01 -18.27
CBD Y01 G . 5.95 15.45 -17.01
CAK Y01 G . 6.76 16.48 -16.22
CAI Y01 G . 8.23 16.21 -16.20
CAZ Y01 G . 8.86 15.30 -16.93
CAV Y01 G . 10.35 15.12 -16.82
CBH Y01 G . 8.14 14.42 -17.94
CAD Y01 G . 8.02 13.00 -17.33
CAT Y01 G . 8.94 14.36 -19.25
CAR Y01 G . 10.45 14.18 -19.07
CBC Y01 G . 11.00 15.25 -18.17
OAW Y01 G . 12.44 15.07 -18.04
CAY Y01 G . 13.19 15.40 -19.09
OAG Y01 G . 12.80 16.05 -20.02
CAM Y01 G . 14.59 14.83 -18.99
CAL Y01 G . 15.46 15.09 -20.21
CAX Y01 G . 16.84 14.46 -20.14
OAH Y01 G . 17.61 14.83 -19.23
OAF Y01 G . 17.16 13.62 -21.00
CAA Y01 H . -16.47 19.96 -2.98
CBA Y01 H . -15.79 20.16 -1.64
CAB Y01 H . -16.50 21.26 -0.84
CAN Y01 H . -15.72 18.86 -0.84
CAJ Y01 H . -15.13 18.98 0.54
CAO Y01 H . -13.67 19.39 0.52
CBB Y01 H . -13.18 20.11 1.78
CAC Y01 H . -14.09 21.29 2.10
CBE Y01 H . -13.03 19.12 2.95
CAP Y01 H . -12.22 17.85 2.56
CAQ Y01 H . -11.39 17.44 3.78
CBG Y01 H . -12.02 18.23 4.93
CBI Y01 H . -12.33 19.59 4.28
CAE Y01 H . -11.05 20.37 3.94
CAU Y01 H . -13.19 20.36 5.28
CAS Y01 H . -12.46 20.54 6.61
CBF Y01 H . -12.02 19.21 7.25
CBD Y01 H . -11.26 18.32 6.24
CAK Y01 H . -11.06 16.93 6.85
CAI Y01 H . -10.62 17.00 8.28
CAZ Y01 H . -10.59 18.10 9.01
CAV Y01 H . -9.96 18.11 10.39
CBH Y01 H . -11.20 19.42 8.55
CAD Y01 H . -10.06 20.42 8.34
CAT Y01 H . -12.14 19.93 9.66
CAR Y01 H . -11.46 19.98 11.04
CBC Y01 H . -10.91 18.64 11.44
OAW Y01 H . -10.17 18.81 12.69
CAY Y01 H . -9.82 17.73 13.38
OAG Y01 H . -10.16 16.61 13.11
CAM Y01 H . -8.95 18.08 14.56
CAL Y01 H . -8.55 16.94 15.47
CAX Y01 H . -7.64 17.33 16.62
OAH Y01 H . -6.55 16.73 16.73
OAF Y01 H . -8.02 18.22 17.39
CAA Y01 I . -10.27 -10.46 -25.51
CBA Y01 I . -9.09 -9.65 -26.04
CAB Y01 I . -9.56 -8.54 -26.96
CAN Y01 I . -8.24 -9.10 -24.89
CAJ Y01 I . -7.63 -10.14 -23.97
CAO Y01 I . -6.91 -9.54 -22.78
CBB Y01 I . -6.35 -10.55 -21.77
CAC Y01 I . -7.43 -11.53 -21.35
CBE Y01 I . -5.08 -11.21 -22.32
CAP Y01 I . -4.06 -10.18 -22.86
CAQ Y01 I . -2.66 -10.64 -22.40
CBG Y01 I . -2.87 -12.12 -22.13
CBI Y01 I . -4.23 -12.16 -21.41
CAE Y01 I . -4.13 -11.56 -19.99
CAU Y01 I . -4.65 -13.62 -21.34
CAS Y01 I . -3.59 -14.47 -20.61
CBF Y01 I . -2.19 -14.36 -21.24
CBD Y01 I . -1.77 -12.89 -21.43
CAK Y01 I . -0.47 -12.84 -22.23
CAI Y01 I . 0.53 -13.85 -21.78
CAZ Y01 I . 0.28 -14.84 -20.93
CAV Y01 I . 1.39 -15.71 -20.39
CBH Y01 I . -1.13 -15.18 -20.44
CAD Y01 I . -1.20 -14.87 -18.93
CAT Y01 I . -1.35 -16.68 -20.67
CAR Y01 I . -0.23 -17.55 -20.09
CBC Y01 I . 1.11 -17.18 -20.65
OAW Y01 I . 2.14 -17.93 -19.94
CAY Y01 I . 2.23 -19.25 -20.14
OAG Y01 I . 1.74 -19.81 -21.07
CAM Y01 I . 2.98 -19.92 -19.03
CAL Y01 I . 3.39 -21.37 -19.24
CAX Y01 I . 4.50 -21.59 -20.26
OAH Y01 I . 4.99 -20.58 -20.82
OAF Y01 I . 4.87 -22.75 -20.48
CAA Y01 J . -2.27 13.45 -33.87
CBA Y01 J . -3.35 13.14 -34.89
CAB Y01 J . -3.22 11.70 -35.37
CAN Y01 J . -4.74 13.41 -34.33
CAJ Y01 J . -4.99 14.81 -33.81
CAO Y01 J . -6.44 15.10 -33.49
CBB Y01 J . -7.23 15.83 -34.59
CAC Y01 J . -7.36 14.95 -35.83
CBE Y01 J . -8.58 16.32 -34.06
CAP Y01 J . -8.50 16.91 -32.63
CAQ Y01 J . -9.73 17.84 -32.47
CBG Y01 J . -10.47 17.72 -33.80
CBI Y01 J . -9.35 17.44 -34.82
CAE Y01 J . -8.43 18.65 -35.02
CAU Y01 J . -10.04 17.05 -36.13
CAS Y01 J . -10.93 18.20 -36.62
CBF Y01 J . -12.02 18.58 -35.60
CBD Y01 J . -11.44 18.83 -34.19
CAK Y01 J . -12.60 18.94 -33.19
CAI Y01 J . -13.75 19.72 -33.74
CAZ Y01 J . -13.84 20.19 -34.97
CAV Y01 J . -14.96 21.13 -35.37
CBH Y01 J . -12.86 19.81 -36.06
CAD Y01 J . -11.96 21.03 -36.35
CAT Y01 J . -13.64 19.43 -37.34
CAR Y01 J . -14.67 20.48 -37.73
CBC Y01 J . -15.68 20.67 -36.63
OAW Y01 J . -16.65 21.70 -36.98
CAY Y01 J . -17.49 21.51 -38.01
OAG Y01 J . -17.31 20.70 -38.88
CAM Y01 J . -18.71 22.36 -37.91
CAL Y01 J . -19.97 21.67 -38.41
CAX Y01 J . -21.27 22.41 -38.15
OAH Y01 J . -21.38 23.58 -38.56
OAF Y01 J . -22.17 21.81 -37.54
CAA Y01 K . -30.77 -2.76 -13.13
CBA Y01 K . -30.26 -4.06 -13.72
CAB Y01 K . -30.05 -3.92 -15.22
CAN Y01 K . -29.01 -4.55 -13.01
CAJ Y01 K . -29.15 -4.80 -11.53
CAO Y01 K . -28.06 -5.67 -10.97
CBB Y01 K . -28.25 -6.09 -9.50
CAC Y01 K . -29.71 -6.46 -9.24
CBE Y01 K . -27.28 -7.22 -9.12
CAP Y01 K . -26.68 -7.95 -10.36
CAQ Y01 K . -25.20 -8.20 -10.03
CBG Y01 K . -25.19 -8.18 -8.52
CBI Y01 K . -26.08 -6.95 -8.18
CAE Y01 K . -25.39 -5.63 -8.56
CAU Y01 K . -26.35 -7.01 -6.67
CAS Y01 K . -25.05 -7.05 -5.87
CBF Y01 K . -24.14 -8.22 -6.26
CBD Y01 K . -23.85 -8.22 -7.77
CAK Y01 K . -23.07 -9.46 -8.17
CAI Y01 K . -21.99 -9.80 -7.19
CAZ Y01 K . -21.85 -9.27 -6.00
CAV Y01 K . -20.66 -9.62 -5.12
CBH Y01 K . -22.84 -8.28 -5.41
CAD Y01 K . -22.16 -6.90 -5.31
CAT Y01 K . -23.22 -8.78 -3.99
CAR Y01 K . -22.00 -9.07 -3.11
CBC Y01 K . -21.11 -10.11 -3.76
OAW Y01 K . -19.92 -10.26 -2.94
CAY Y01 K . -20.04 -10.76 -1.72
OAG Y01 K . -21.04 -11.28 -1.30
CAM Y01 K . -18.78 -10.59 -0.90
CAL Y01 K . -18.22 -11.86 -0.30
CAX Y01 K . -17.05 -11.64 0.64
OAH Y01 K . -17.20 -10.85 1.60
OAF Y01 K . -16.00 -12.26 0.42
CAA Y01 L . -27.92 -5.52 -19.24
CBA Y01 L . -27.47 -6.89 -19.75
CAB Y01 L . -26.98 -6.79 -21.19
CAN Y01 L . -26.41 -7.51 -18.85
CAJ Y01 L . -26.83 -7.73 -17.41
CAO Y01 L . -25.88 -8.61 -16.64
CBB Y01 L . -26.34 -9.02 -15.24
CAC Y01 L . -27.81 -9.42 -15.26
CBE Y01 L . -25.44 -10.12 -14.67
CAP Y01 L . -24.66 -10.91 -15.78
CAQ Y01 L . -23.28 -11.26 -15.18
CBG Y01 L . -23.53 -11.10 -13.68
CBI Y01 L . -24.36 -9.81 -13.58
CAE Y01 L . -23.55 -8.57 -13.98
CAU Y01 L . -24.86 -9.71 -12.14
CAS Y01 L . -23.71 -9.75 -11.14
CBF Y01 L . -22.83 -11.01 -11.28
CBD Y01 L . -22.34 -11.17 -12.72
CAK Y01 L . -21.61 -12.51 -12.89
CAI Y01 L . -20.72 -12.82 -11.73
CAZ Y01 L . -20.70 -12.18 -10.58
CAV Y01 L . -19.71 -12.54 -9.50
CBH Y01 L . -21.69 -11.07 -10.23
CAD Y01 L . -20.92 -9.75 -10.14
CAT Y01 L . -22.32 -11.41 -8.86
CAR Y01 L . -21.27 -11.73 -7.77
CBC Y01 L . -20.40 -12.87 -8.20
OAW Y01 L . -19.36 -13.07 -7.20
CAY Y01 L . -19.71 -13.50 -5.98
OAG Y01 L . -20.80 -13.93 -5.72
CAM Y01 L . -18.60 -13.36 -4.99
CAL Y01 L . -18.18 -14.61 -4.26
CAX Y01 L . -17.08 -14.40 -3.22
OAH Y01 L . -17.28 -13.57 -2.32
OAF Y01 L . -16.04 -15.07 -3.33
C1 NAG M . 21.86 20.56 34.21
C2 NAG M . 22.70 21.81 34.46
C3 NAG M . 23.25 21.81 35.87
C4 NAG M . 22.10 21.93 36.86
C5 NAG M . 21.09 20.80 36.64
C6 NAG M . 19.67 21.30 36.40
C7 NAG M . 23.91 22.92 32.63
C8 NAG M . 25.09 22.86 31.71
N2 NAG M . 23.79 21.91 33.50
O3 NAG M . 24.13 22.91 36.05
O4 NAG M . 22.59 21.87 38.20
O5 NAG M . 21.43 19.95 35.52
O6 NAG M . 18.94 20.40 35.59
O7 NAG M . 23.08 23.84 32.56
C1 NAG N . -13.17 -30.94 2.43
C2 NAG N . -13.98 -31.62 3.53
C3 NAG N . -13.85 -33.14 3.40
C4 NAG N . -14.21 -33.59 2.00
C5 NAG N . -13.40 -32.81 0.96
C6 NAG N . -13.79 -33.12 -0.46
C7 NAG N . -14.33 -31.26 5.93
C8 NAG N . -13.74 -30.75 7.20
N2 NAG N . -13.55 -31.17 4.84
O3 NAG N . -14.70 -33.77 4.35
O4 NAG N . -13.94 -34.98 1.85
O5 NAG N . -13.61 -31.40 1.15
O6 NAG N . -13.22 -32.19 -1.37
O7 NAG N . -15.47 -31.72 5.88
C1 NAG O . 9.83 -43.42 34.14
C2 NAG O . 10.84 -43.88 33.05
C3 NAG O . 11.80 -44.94 33.60
C4 NAG O . 12.43 -44.49 34.90
C5 NAG O . 11.34 -44.15 35.91
C6 NAG O . 11.89 -43.64 37.22
C7 NAG O . 10.72 -44.57 30.69
C8 NAG O . 9.85 -45.15 29.61
N2 NAG O . 10.14 -44.40 31.88
O3 NAG O . 12.82 -45.22 32.65
O4 NAG O . 13.25 -45.53 35.44
O5 NAG O . 10.54 -43.11 35.36
O6 NAG O . 11.87 -42.22 37.26
O7 NAG O . 11.90 -44.27 30.48
C1 NAG P . 45.09 10.65 0.57
C2 NAG P . 44.72 11.44 -0.68
C3 NAG P . 45.92 12.26 -1.14
C4 NAG P . 46.44 13.11 0.01
C5 NAG P . 46.66 12.27 1.27
C6 NAG P . 47.04 13.08 2.48
C7 NAG P . 42.98 10.54 -2.15
C8 NAG P . 42.66 9.58 -3.25
N2 NAG P . 44.25 10.55 -1.74
O3 NAG P . 45.53 13.07 -2.23
O4 NAG P . 47.67 13.72 -0.37
O5 NAG P . 45.46 11.54 1.61
O6 NAG P . 48.31 13.71 2.30
O7 NAG P . 42.13 11.28 -1.67
#